data_8OV6
#
_entry.id   8OV6
#
_cell.length_a   1.00
_cell.length_b   1.00
_cell.length_c   1.00
_cell.angle_alpha   90.00
_cell.angle_beta   90.00
_cell.angle_gamma   90.00
#
_symmetry.space_group_name_H-M   'P 1'
#
loop_
_entity.id
_entity.type
_entity.pdbx_description
1 polymer DDB1deltaBPB
2 polymer 'DDB1- and CUL4-associated factor 16'
3 polymer 'Bromodomain-containing protein 4'
4 non-polymer 'ZINC ION'
5 non-polymer 'methyl 2-[(9~{S})-7-[4-[4-[[4-[(3-cyano-4-methyl-1~{H}-indol-7-yl)sulfamoyl]phenyl]methylcarbamoyl]phenyl]phenyl]-4,5,13-trimethyl-3-thia-1,8,11,12-tetrazatricyclo[8.3.0.0^{2,6}]trideca-2(6),4,7,10,12-pentaen-9-yl]ethanoate'
#
loop_
_entity_poly.entity_id
_entity_poly.type
_entity_poly.pdbx_seq_one_letter_code
_entity_poly.pdbx_strand_id
1 'polypeptide(L)'
;MSYNYVVTAQKPTAVNGCVTGHFTSAEDLNLLIAKNTRLEIYVVTAEGLRPVKEVGMYGKIAVMELFRPKGESKDLLFIL
TAKYNACILEYKQSGESIDIITRAHGNVQDRIGRPSETGIIGIIDPECRMIGLRLYDGLFKVIPLDRDNKELKAFNIRLE
ELHVIDVKFLYGCQAPTICFVYQDPQGRHVKTYEVSLREKEFNKGPWKQENVEAEASMVIAVPEPFGGAIIIGQESITYH
NGDKYLAIAPPIIKQSTIVCHNRVDPNGSRYLLGDMEGRLFMLLLEKEEQMDGTVTLKDLRVELLGETSIAECLTYLDNG
VVFVGSRLGDSQLVKLNVDSNEQGSYVVAMETFTNLGPIVDMCVVDLERQGQGQLVTCSGAFKEGSLRIIRNGIGGNGNS
GEIQKLHIRTVPLYESPRKICYQEVSQCFGVLSSRIEVQDTSGGTTALRPSASTQALSSSVSSSKLFSSSTAPHETSFGE
EVEVHNLLIIDQHTFEVLHAHQFLQNEYALSLVSCKLGKDPNTYFIVGTAMVYPEEAEPKQGRIVVFQYSDGKLQTVAEK
EVKGAVYSMVEFNGKLLASINSTVRLYEWTTEKELRTECNHYNNIMALYLKTKGDFILVGDLMRSVLLLAYKPMEGNFEE
IARDFNPNWMSAVEILDDDNFLGAENAFNLFVCQKDSAATTDEERQHLQEVGLFHLGEFVNVFCHGSLVMQNLGETSTPT
QGSVLFGTVNGMIGLVTSLSESWYNLLLDMQNRLNKVIKSVGKIEHSFWRSFHTERKTEPATGFIDGDLIESFLDISRPK
MQEVVANLQYDDGSGMKREATADDLIKVVEELTRIH
;
A
2 'polypeptide(L)'
;GGMGPRNPSPDHLSESESEEEENISYLNESSGEEWDSSEEEDSMVPNLSPLESLAWQVKCLLKYSTTWKPLNPNSWLYHA
KLLDPSTPVHILREIGLRLSHCSHCVPKLEPIPEWPPLASCGVPPFQKPLTSPSRLSRDHATLNGALQFATKQLSRTLSR
ATPIPEYLKQIPNSCVSGCCCGWLTKTVKETTRTEPINTTYSYTDFQKAVNKLLTASL
;
B
3 'polypeptide(L)'
;GSTNPPPPETSNPNKPKRQTNQLQYLLRVVLKTLWKHQFAWPFQQPVDAVKLNLPDYYKIIKTPMDMGTIKKRLENNYYW
NAQECIQDFNTMFTNCYIYNKPGDDIVLMAEALEKLFLQKINELPTEETEIMIVQAKGRGRGRKETGTAKPGVSTVPNTT
QASTPPQTQTPQPNPPPVQATPHPFPAVTPDLIVQTPVMTVVPPQPLQTPPPVPPQPQPPPAPAPQPVQSHPPIIAATPQ
PVKTKKGVKRKADTTTPTTIDPIHEPPSLPPEPKTTKLGQRRESSRPVKPPKKDVPDSQQHPAPEKSSKVSEQLKCCSGI
LKEMFAKKHAAYAWPFYKPVDVEALGLHDYCDIIKHPMDMSTIKSKLEAREYRDAQEFGADVRLMFSNCYKYNPPDHEVV
AMARKLQDVFEMRFAKMPD
;
C
#
# COMPACT_ATOMS: atom_id res chain seq x y z
N SER A 2 -26.54 2.66 -6.09
CA SER A 2 -26.86 1.94 -4.87
C SER A 2 -27.15 2.91 -3.73
N TYR A 3 -27.57 2.37 -2.59
CA TYR A 3 -27.90 3.15 -1.41
C TYR A 3 -27.38 2.42 -0.18
N ASN A 4 -27.05 3.18 0.85
CA ASN A 4 -26.53 2.60 2.08
C ASN A 4 -26.74 3.58 3.23
N TYR A 5 -26.37 3.14 4.42
CA TYR A 5 -26.57 3.90 5.66
C TYR A 5 -25.46 3.52 6.62
N VAL A 6 -24.60 4.47 6.96
CA VAL A 6 -23.44 4.22 7.80
C VAL A 6 -23.58 5.05 9.08
N VAL A 7 -23.45 4.38 10.22
CA VAL A 7 -23.66 5.01 11.52
C VAL A 7 -22.53 4.59 12.45
N THR A 8 -22.26 5.46 13.43
CA THR A 8 -21.22 5.22 14.42
C THR A 8 -21.82 4.49 15.63
N ALA A 9 -21.24 3.35 15.99
CA ALA A 9 -21.72 2.58 17.13
C ALA A 9 -20.92 2.93 18.39
N GLN A 10 -19.60 2.75 18.34
CA GLN A 10 -18.72 3.06 19.45
C GLN A 10 -17.76 4.16 19.02
N LYS A 11 -17.86 5.32 19.66
CA LYS A 11 -17.04 6.45 19.26
C LYS A 11 -15.56 6.11 19.46
N PRO A 12 -14.67 6.76 18.69
CA PRO A 12 -13.25 6.41 18.77
C PRO A 12 -12.69 6.68 20.16
N THR A 13 -11.62 5.97 20.50
CA THR A 13 -11.03 6.06 21.82
C THR A 13 -9.51 6.20 21.81
N ALA A 14 -8.87 6.20 20.65
CA ALA A 14 -7.45 6.48 20.61
C ALA A 14 -7.20 7.97 20.82
N VAL A 15 -6.01 8.30 21.33
CA VAL A 15 -5.62 9.68 21.61
C VAL A 15 -4.43 10.02 20.74
N ASN A 16 -4.56 11.11 19.97
CA ASN A 16 -3.50 11.56 19.09
C ASN A 16 -3.15 13.03 19.31
N GLY A 17 -3.61 13.63 20.40
CA GLY A 17 -3.23 14.99 20.74
C GLY A 17 -3.89 15.49 22.00
N CYS A 18 -3.13 16.12 22.89
CA CYS A 18 -3.68 16.63 24.13
C CYS A 18 -2.91 17.88 24.52
N VAL A 19 -3.56 18.74 25.31
CA VAL A 19 -2.98 20.03 25.70
C VAL A 19 -3.63 20.44 27.01
N THR A 20 -2.92 21.29 27.76
CA THR A 20 -3.38 21.77 29.06
C THR A 20 -3.26 23.29 29.13
N GLY A 21 -4.25 23.93 29.71
CA GLY A 21 -4.22 25.37 29.85
C GLY A 21 -5.52 25.88 30.44
N HIS A 22 -5.57 27.19 30.66
CA HIS A 22 -6.74 27.85 31.23
C HIS A 22 -7.72 28.17 30.09
N PHE A 23 -8.49 27.15 29.71
CA PHE A 23 -9.40 27.29 28.58
C PHE A 23 -10.80 27.73 29.05
N THR A 24 -11.43 26.93 29.90
CA THR A 24 -12.81 27.20 30.29
C THR A 24 -12.91 28.44 31.17
N SER A 25 -11.87 28.77 31.93
CA SER A 25 -11.88 29.95 32.77
C SER A 25 -10.48 30.21 33.28
N ALA A 26 -10.21 31.47 33.64
CA ALA A 26 -8.92 31.84 34.18
C ALA A 26 -8.67 31.21 35.55
N GLU A 27 -9.73 30.80 36.25
CA GLU A 27 -9.58 30.20 37.57
C GLU A 27 -9.34 28.69 37.48
N ASP A 28 -9.97 28.02 36.51
CA ASP A 28 -9.85 26.58 36.38
C ASP A 28 -8.60 26.21 35.60
N LEU A 29 -8.26 24.92 35.63
CA LEU A 29 -7.22 24.34 34.80
C LEU A 29 -7.82 23.19 34.00
N ASN A 30 -7.67 23.22 32.69
CA ASN A 30 -8.33 22.30 31.78
C ASN A 30 -7.32 21.37 31.11
N LEU A 31 -7.67 20.09 31.02
CA LEU A 31 -6.96 19.15 30.17
C LEU A 31 -7.84 18.89 28.95
N LEU A 32 -7.33 19.19 27.77
CA LEU A 32 -8.07 19.05 26.52
C LEU A 32 -7.50 17.90 25.70
N ILE A 33 -8.31 16.85 25.51
CA ILE A 33 -7.91 15.67 24.78
C ILE A 33 -8.71 15.67 23.49
N ALA A 34 -8.01 15.61 22.36
CA ALA A 34 -8.65 15.53 21.05
C ALA A 34 -8.39 14.17 20.45
N LYS A 35 -9.46 13.47 20.06
CA LYS A 35 -9.38 12.11 19.54
C LYS A 35 -10.03 12.11 18.17
N ASN A 36 -9.24 12.09 17.10
CA ASN A 36 -9.86 12.00 15.78
C ASN A 36 -10.88 13.13 15.69
N THR A 37 -12.07 12.84 15.19
CA THR A 37 -13.07 13.88 14.96
C THR A 37 -13.87 14.19 16.23
N ARG A 38 -13.22 14.11 17.39
CA ARG A 38 -13.82 14.41 18.67
C ARG A 38 -12.90 15.35 19.44
N LEU A 39 -13.51 16.20 20.27
CA LEU A 39 -12.77 17.14 21.10
C LEU A 39 -13.30 17.06 22.53
N GLU A 40 -12.48 16.54 23.43
CA GLU A 40 -12.88 16.32 24.81
C GLU A 40 -12.30 17.40 25.71
N ILE A 41 -13.12 17.91 26.62
CA ILE A 41 -12.73 18.95 27.57
C ILE A 41 -12.85 18.39 28.97
N TYR A 42 -11.84 18.65 29.80
CA TYR A 42 -11.84 18.20 31.19
C TYR A 42 -11.46 19.36 32.11
N VAL A 43 -11.80 19.20 33.38
CA VAL A 43 -11.39 20.12 34.44
C VAL A 43 -10.66 19.31 35.49
N VAL A 44 -9.50 19.80 35.91
CA VAL A 44 -8.70 19.09 36.91
C VAL A 44 -9.19 19.45 38.31
N THR A 45 -9.28 18.45 39.16
CA THR A 45 -9.62 18.64 40.57
C THR A 45 -8.77 17.68 41.39
N ALA A 46 -8.68 17.97 42.70
CA ALA A 46 -7.95 17.08 43.58
C ALA A 46 -8.47 15.65 43.51
N GLU A 47 -9.78 15.50 43.30
CA GLU A 47 -10.35 14.16 43.15
C GLU A 47 -9.90 13.52 41.85
N GLY A 48 -10.01 14.24 40.74
CA GLY A 48 -9.70 13.68 39.44
C GLY A 48 -10.27 14.57 38.35
N LEU A 49 -10.50 13.98 37.19
CA LEU A 49 -10.97 14.70 36.02
C LEU A 49 -12.49 14.62 35.93
N ARG A 50 -13.13 15.79 35.83
CA ARG A 50 -14.58 15.88 35.66
C ARG A 50 -14.87 16.38 34.26
N PRO A 51 -15.27 15.52 33.32
CA PRO A 51 -15.55 16.02 31.97
C PRO A 51 -16.69 17.03 31.98
N VAL A 52 -16.49 18.12 31.24
CA VAL A 52 -17.46 19.20 31.19
C VAL A 52 -18.19 19.25 29.86
N LYS A 53 -17.53 18.90 28.76
CA LYS A 53 -18.10 19.05 27.43
C LYS A 53 -17.33 18.16 26.47
N GLU A 54 -18.07 17.47 25.59
CA GLU A 54 -17.49 16.75 24.48
C GLU A 54 -18.21 17.19 23.22
N VAL A 55 -17.44 17.64 22.23
CA VAL A 55 -17.99 18.19 20.99
C VAL A 55 -17.28 17.53 19.82
N GLY A 56 -18.06 17.10 18.83
CA GLY A 56 -17.50 16.51 17.63
C GLY A 56 -17.33 17.56 16.54
N MET A 57 -16.26 17.40 15.76
CA MET A 57 -15.93 18.32 14.69
C MET A 57 -15.81 17.56 13.38
N TYR A 58 -16.17 18.24 12.29
CA TYR A 58 -16.14 17.66 10.95
C TYR A 58 -14.74 17.82 10.35
N GLY A 59 -13.81 16.99 10.84
CA GLY A 59 -12.44 17.02 10.38
C GLY A 59 -11.49 16.35 11.34
N LYS A 60 -10.50 15.63 10.80
CA LYS A 60 -9.54 14.90 11.63
C LYS A 60 -8.58 15.88 12.28
N ILE A 61 -8.77 16.14 13.57
CA ILE A 61 -7.98 17.13 14.28
C ILE A 61 -6.55 16.59 14.40
N ALA A 62 -5.61 17.25 13.73
CA ALA A 62 -4.21 16.83 13.74
C ALA A 62 -3.25 17.85 14.32
N VAL A 63 -3.68 19.10 14.50
CA VAL A 63 -2.85 20.13 15.12
C VAL A 63 -3.72 20.91 16.10
N MET A 64 -3.38 20.84 17.38
CA MET A 64 -4.12 21.52 18.44
C MET A 64 -3.14 22.26 19.32
N GLU A 65 -3.50 23.49 19.69
CA GLU A 65 -2.63 24.33 20.50
C GLU A 65 -3.46 25.34 21.26
N LEU A 66 -2.87 25.87 22.33
CA LEU A 66 -3.49 26.89 23.15
C LEU A 66 -2.62 28.13 23.21
N PHE A 67 -3.25 29.29 23.24
CA PHE A 67 -2.55 30.57 23.34
C PHE A 67 -3.51 31.61 23.87
N ARG A 68 -2.96 32.63 24.52
CA ARG A 68 -3.76 33.70 25.13
C ARG A 68 -3.28 35.04 24.60
N PRO A 69 -3.90 35.54 23.53
CA PRO A 69 -3.49 36.85 23.01
C PRO A 69 -3.81 37.96 24.00
N LYS A 70 -3.04 39.04 23.91
CA LYS A 70 -3.22 40.17 24.81
C LYS A 70 -4.63 40.73 24.69
N GLY A 71 -5.21 41.11 25.82
CA GLY A 71 -6.56 41.63 25.86
C GLY A 71 -7.64 40.60 26.11
N GLU A 72 -7.30 39.32 26.15
CA GLU A 72 -8.26 38.26 26.44
C GLU A 72 -8.05 37.75 27.86
N SER A 73 -9.17 37.61 28.58
CA SER A 73 -9.10 37.12 29.95
C SER A 73 -8.84 35.62 30.04
N LYS A 74 -8.96 34.89 28.93
CA LYS A 74 -8.79 33.45 28.94
C LYS A 74 -8.25 33.00 27.59
N ASP A 75 -7.69 31.78 27.59
CA ASP A 75 -7.01 31.26 26.41
C ASP A 75 -7.97 31.11 25.24
N LEU A 76 -7.38 30.81 24.07
CA LEU A 76 -8.12 30.48 22.87
C LEU A 76 -7.50 29.23 22.26
N LEU A 77 -8.32 28.50 21.50
CA LEU A 77 -7.97 27.17 21.00
C LEU A 77 -7.84 27.21 19.48
N PHE A 78 -6.76 26.66 18.97
CA PHE A 78 -6.47 26.63 17.54
C PHE A 78 -6.52 25.19 17.06
N ILE A 79 -7.36 24.91 16.07
CA ILE A 79 -7.61 23.56 15.59
C ILE A 79 -7.39 23.55 14.08
N LEU A 80 -6.51 22.67 13.61
CA LEU A 80 -6.25 22.48 12.19
C LEU A 80 -6.43 21.02 11.85
N THR A 81 -7.32 20.72 10.92
CA THR A 81 -7.64 19.34 10.57
C THR A 81 -6.77 18.87 9.41
N ALA A 82 -6.76 17.55 9.21
CA ALA A 82 -6.00 16.97 8.11
C ALA A 82 -6.55 17.34 6.75
N LYS A 83 -7.75 17.91 6.69
CA LYS A 83 -8.30 18.45 5.46
C LYS A 83 -8.05 19.94 5.31
N TYR A 84 -7.22 20.52 6.18
CA TYR A 84 -6.82 21.93 6.10
C TYR A 84 -7.98 22.88 6.38
N ASN A 85 -8.93 22.46 7.19
CA ASN A 85 -9.83 23.40 7.84
C ASN A 85 -9.19 23.88 9.13
N ALA A 86 -9.16 25.19 9.33
CA ALA A 86 -8.57 25.78 10.52
C ALA A 86 -9.54 26.80 11.10
N CYS A 87 -9.55 26.89 12.43
CA CYS A 87 -10.43 27.80 13.12
C CYS A 87 -9.87 28.08 14.50
N ILE A 88 -10.33 29.17 15.10
CA ILE A 88 -9.93 29.58 16.44
C ILE A 88 -11.18 29.68 17.29
N LEU A 89 -11.17 28.99 18.43
CA LEU A 89 -12.36 28.79 19.25
C LEU A 89 -12.22 29.48 20.60
N GLU A 90 -13.37 29.77 21.19
CA GLU A 90 -13.48 30.35 22.53
C GLU A 90 -14.56 29.59 23.29
N TYR A 91 -14.28 29.26 24.54
CA TYR A 91 -15.26 28.56 25.38
C TYR A 91 -16.15 29.61 26.04
N LYS A 92 -17.41 29.66 25.62
CA LYS A 92 -18.34 30.67 26.10
C LYS A 92 -19.42 29.97 26.91
N GLN A 93 -19.58 30.39 28.16
CA GLN A 93 -20.56 29.81 29.07
C GLN A 93 -21.60 30.86 29.45
N SER A 94 -22.84 30.42 29.59
CA SER A 94 -23.94 31.29 29.98
C SER A 94 -24.85 30.48 30.90
N GLY A 95 -24.65 30.64 32.21
CA GLY A 95 -25.40 29.83 33.15
C GLY A 95 -25.12 28.36 32.93
N GLU A 96 -26.20 27.57 32.85
CA GLU A 96 -26.05 26.13 32.63
C GLU A 96 -25.80 25.78 31.18
N SER A 97 -26.03 26.70 30.25
CA SER A 97 -25.81 26.44 28.83
C SER A 97 -24.35 26.67 28.47
N ILE A 98 -23.81 25.79 27.64
CA ILE A 98 -22.42 25.85 27.20
C ILE A 98 -22.40 25.90 25.68
N ASP A 99 -21.61 26.80 25.13
CA ASP A 99 -21.44 26.91 23.68
C ASP A 99 -19.97 27.06 23.35
N ILE A 100 -19.58 26.54 22.20
CA ILE A 100 -18.26 26.76 21.63
C ILE A 100 -18.45 27.71 20.45
N ILE A 101 -17.97 28.94 20.59
CA ILE A 101 -18.15 29.98 19.58
C ILE A 101 -16.88 30.10 18.77
N THR A 102 -17.03 30.15 17.45
CA THR A 102 -15.89 30.21 16.54
C THR A 102 -15.48 31.67 16.34
N ARG A 103 -14.25 32.00 16.71
CA ARG A 103 -13.76 33.36 16.52
C ARG A 103 -13.42 33.61 15.05
N ALA A 104 -12.45 32.86 14.53
CA ALA A 104 -12.02 33.00 13.14
C ALA A 104 -11.89 31.62 12.53
N HIS A 105 -12.13 31.54 11.22
CA HIS A 105 -12.06 30.27 10.52
C HIS A 105 -11.66 30.53 9.07
N GLY A 106 -11.18 29.48 8.42
CA GLY A 106 -10.78 29.59 7.03
C GLY A 106 -10.12 28.31 6.58
N ASN A 107 -9.63 28.35 5.34
CA ASN A 107 -8.90 27.25 4.74
C ASN A 107 -7.53 27.74 4.31
N VAL A 108 -6.52 26.90 4.46
CA VAL A 108 -5.15 27.24 4.13
C VAL A 108 -4.55 26.27 3.13
N GLN A 109 -5.37 25.55 2.39
CA GLN A 109 -4.87 24.58 1.41
C GLN A 109 -4.38 25.33 0.17
N ASP A 110 -3.12 25.12 -0.18
CA ASP A 110 -2.59 25.67 -1.41
C ASP A 110 -3.03 24.83 -2.61
N ARG A 111 -3.04 25.46 -3.78
CA ARG A 111 -3.48 24.76 -4.99
C ARG A 111 -2.55 23.60 -5.32
N ILE A 112 -1.23 23.80 -5.20
CA ILE A 112 -0.25 22.80 -5.58
C ILE A 112 0.73 22.61 -4.44
N GLY A 113 1.41 21.47 -4.47
CA GLY A 113 2.41 21.15 -3.48
C GLY A 113 2.46 19.67 -3.15
N ARG A 114 3.47 19.26 -2.39
CA ARG A 114 3.60 17.87 -1.93
C ARG A 114 3.67 17.87 -0.41
N PRO A 115 2.70 17.30 0.30
CA PRO A 115 2.77 17.29 1.76
C PRO A 115 4.03 16.60 2.25
N SER A 116 4.55 17.11 3.37
CA SER A 116 5.82 16.62 3.90
C SER A 116 5.65 15.23 4.49
N GLU A 117 6.79 14.53 4.61
CA GLU A 117 6.77 13.19 5.18
C GLU A 117 6.38 13.23 6.66
N THR A 118 7.05 14.07 7.44
CA THR A 118 6.91 14.05 8.88
C THR A 118 5.59 14.62 9.38
N GLY A 119 4.66 14.94 8.49
CA GLY A 119 3.32 15.32 8.89
C GLY A 119 3.17 16.81 9.15
N ILE A 120 1.91 17.21 9.32
CA ILE A 120 1.60 18.60 9.60
C ILE A 120 2.20 19.01 10.93
N ILE A 121 2.64 20.26 11.02
CA ILE A 121 3.20 20.83 12.25
C ILE A 121 2.60 22.19 12.47
N GLY A 122 2.19 22.46 13.70
CA GLY A 122 1.62 23.76 14.06
C GLY A 122 2.21 24.27 15.35
N ILE A 123 2.54 25.57 15.35
CA ILE A 123 3.20 26.18 16.50
C ILE A 123 2.82 27.65 16.53
N ILE A 124 2.82 28.22 17.74
CA ILE A 124 2.33 29.57 17.97
C ILE A 124 3.39 30.38 18.69
N ASP A 125 3.43 31.68 18.39
CA ASP A 125 4.34 32.59 19.07
C ASP A 125 3.96 32.72 20.53
N PRO A 126 4.91 32.63 21.47
CA PRO A 126 4.57 32.91 22.88
C PRO A 126 3.98 34.28 23.08
N GLU A 127 4.45 35.29 22.34
CA GLU A 127 3.89 36.63 22.44
C GLU A 127 2.62 36.80 21.62
N CYS A 128 2.21 35.80 20.85
CA CYS A 128 0.97 35.82 20.08
C CYS A 128 0.97 36.92 19.03
N ARG A 129 1.96 36.87 18.13
CA ARG A 129 2.00 37.75 16.99
C ARG A 129 1.75 37.05 15.66
N MET A 130 1.90 35.72 15.61
CA MET A 130 1.73 34.97 14.37
C MET A 130 1.45 33.52 14.72
N ILE A 131 0.87 32.79 13.77
CA ILE A 131 0.69 31.35 13.87
C ILE A 131 1.53 30.70 12.78
N GLY A 132 2.40 29.79 13.18
CA GLY A 132 3.25 29.11 12.24
C GLY A 132 2.60 27.83 11.76
N LEU A 133 2.96 27.42 10.55
CA LEU A 133 2.53 26.13 10.01
C LEU A 133 3.57 25.66 9.01
N ARG A 134 3.56 24.36 8.74
CA ARG A 134 4.45 23.75 7.75
C ARG A 134 3.65 22.65 7.05
N LEU A 135 3.00 23.00 5.95
CA LEU A 135 2.12 22.09 5.26
C LEU A 135 2.72 21.48 4.00
N TYR A 136 3.90 21.95 3.57
CA TYR A 136 4.52 21.42 2.36
C TYR A 136 6.04 21.53 2.50
N ASP A 137 6.73 20.68 1.74
CA ASP A 137 8.18 20.80 1.67
C ASP A 137 8.56 22.16 1.08
N GLY A 138 9.53 22.81 1.72
CA GLY A 138 10.09 24.03 1.19
C GLY A 138 9.23 25.27 1.32
N LEU A 139 8.12 25.20 2.03
CA LEU A 139 7.29 26.37 2.26
C LEU A 139 6.87 26.42 3.73
N PHE A 140 6.96 27.61 4.31
CA PHE A 140 6.47 27.87 5.65
C PHE A 140 5.26 28.79 5.54
N LYS A 141 4.15 28.39 6.15
CA LYS A 141 2.89 29.11 6.03
C LYS A 141 2.61 29.86 7.33
N VAL A 142 2.62 31.18 7.26
CA VAL A 142 2.45 32.03 8.43
C VAL A 142 1.04 32.64 8.39
N ILE A 143 0.51 32.93 9.57
CA ILE A 143 -0.83 33.49 9.68
C ILE A 143 -0.77 34.64 10.67
N PRO A 144 -0.86 35.90 10.22
CA PRO A 144 -0.73 37.02 11.16
C PRO A 144 -1.86 37.00 12.17
N LEU A 145 -1.52 37.17 13.45
CA LEU A 145 -2.54 37.15 14.51
C LEU A 145 -2.89 38.56 14.92
N ASP A 146 -4.04 39.02 14.43
CA ASP A 146 -4.61 40.31 14.77
C ASP A 146 -6.11 40.11 14.72
N ARG A 147 -6.85 40.94 15.46
CA ARG A 147 -8.29 40.70 15.51
C ARG A 147 -8.87 40.77 14.11
N ASP A 148 -8.27 41.60 13.25
CA ASP A 148 -8.80 41.84 11.91
C ASP A 148 -8.84 40.56 11.09
N ASN A 149 -7.85 39.68 11.24
CA ASN A 149 -7.72 38.52 10.35
C ASN A 149 -8.72 37.43 10.73
N LYS A 150 -10.00 37.75 10.54
CA LYS A 150 -11.05 36.82 10.93
C LYS A 150 -11.30 35.79 9.84
N GLU A 151 -10.81 36.04 8.63
CA GLU A 151 -10.85 35.08 7.54
C GLU A 151 -9.54 34.32 7.36
N LEU A 152 -8.55 34.57 8.23
CA LEU A 152 -7.29 33.83 8.22
C LEU A 152 -6.61 33.88 6.85
N LYS A 153 -6.22 35.08 6.46
CA LYS A 153 -5.45 35.27 5.24
C LYS A 153 -3.97 35.02 5.54
N ALA A 154 -3.39 34.02 4.87
CA ALA A 154 -2.02 33.61 5.11
C ALA A 154 -1.09 34.16 4.03
N PHE A 155 0.21 34.01 4.27
CA PHE A 155 1.22 34.34 3.27
C PHE A 155 2.41 33.42 3.46
N ASN A 156 2.98 32.97 2.36
CA ASN A 156 4.05 31.99 2.40
C ASN A 156 5.41 32.66 2.55
N ILE A 157 6.43 31.84 2.78
CA ILE A 157 7.82 32.27 2.79
C ILE A 157 8.66 31.08 2.35
N ARG A 158 9.53 31.29 1.37
CA ARG A 158 10.36 30.19 0.90
C ARG A 158 11.26 29.67 2.00
N LEU A 159 11.51 28.37 1.99
CA LEU A 159 12.45 27.72 2.89
C LEU A 159 13.65 27.23 2.10
N GLU A 160 14.84 27.52 2.61
CA GLU A 160 16.06 27.14 1.89
C GLU A 160 16.16 25.63 1.73
N GLU A 161 15.84 24.88 2.79
CA GLU A 161 16.01 23.44 2.80
C GLU A 161 14.64 22.76 2.86
N LEU A 162 14.49 21.69 2.09
CA LEU A 162 13.18 21.05 1.94
C LEU A 162 12.87 20.11 3.08
N HIS A 163 13.84 19.31 3.52
CA HIS A 163 13.60 18.24 4.48
C HIS A 163 13.70 18.77 5.91
N VAL A 164 12.58 19.27 6.42
CA VAL A 164 12.51 19.81 7.77
C VAL A 164 11.95 18.73 8.69
N ILE A 165 12.69 18.38 9.73
CA ILE A 165 12.24 17.34 10.66
C ILE A 165 11.24 17.90 11.66
N ASP A 166 11.67 18.91 12.42
CA ASP A 166 10.83 19.52 13.46
C ASP A 166 11.16 20.99 13.54
N VAL A 167 10.17 21.78 13.99
CA VAL A 167 10.35 23.22 14.10
C VAL A 167 9.57 23.71 15.31
N LYS A 168 10.12 24.71 16.01
CA LYS A 168 9.51 25.27 17.20
C LYS A 168 9.83 26.76 17.28
N PHE A 169 9.00 27.48 18.02
CA PHE A 169 9.28 28.86 18.37
C PHE A 169 10.22 28.91 19.56
N LEU A 170 10.89 30.05 19.73
CA LEU A 170 11.76 30.29 20.88
C LEU A 170 11.18 31.36 21.78
N TYR A 171 11.41 31.21 23.07
CA TYR A 171 10.96 32.19 24.05
C TYR A 171 11.97 33.32 24.18
N GLY A 172 11.46 34.53 24.41
CA GLY A 172 12.32 35.66 24.70
C GLY A 172 13.17 36.15 23.55
N CYS A 173 12.52 36.72 22.53
CA CYS A 173 13.22 37.40 21.45
C CYS A 173 12.42 38.62 21.04
N GLN A 174 13.14 39.67 20.61
CA GLN A 174 12.49 40.92 20.26
C GLN A 174 11.46 40.74 19.16
N ALA A 175 11.72 39.84 18.22
CA ALA A 175 10.79 39.48 17.17
C ALA A 175 10.67 37.97 17.12
N PRO A 176 9.56 37.45 16.59
CA PRO A 176 9.37 35.99 16.59
C PRO A 176 10.56 35.27 15.96
N THR A 177 10.96 34.17 16.56
CA THR A 177 12.12 33.40 16.15
C THR A 177 11.75 31.93 16.11
N ILE A 178 12.27 31.21 15.11
CA ILE A 178 11.94 29.81 14.91
C ILE A 178 13.22 29.01 14.74
N CYS A 179 13.29 27.87 15.42
CA CYS A 179 14.40 26.93 15.33
C CYS A 179 13.87 25.60 14.81
N PHE A 180 14.71 24.90 14.04
CA PHE A 180 14.29 23.64 13.46
C PHE A 180 15.51 22.81 13.10
N VAL A 181 15.26 21.59 12.64
CA VAL A 181 16.29 20.65 12.23
C VAL A 181 16.02 20.28 10.78
N TYR A 182 17.03 20.42 9.93
CA TYR A 182 16.92 20.09 8.52
C TYR A 182 18.04 19.14 8.13
N GLN A 183 17.76 18.29 7.15
CA GLN A 183 18.69 17.27 6.69
C GLN A 183 19.17 17.57 5.28
N ASP A 184 20.43 17.25 5.03
CA ASP A 184 21.03 17.41 3.71
C ASP A 184 22.13 16.38 3.58
N PRO A 185 22.73 16.24 2.39
CA PRO A 185 23.76 15.22 2.22
C PRO A 185 24.89 15.31 3.22
N GLN A 186 25.20 16.51 3.71
CA GLN A 186 26.28 16.66 4.69
C GLN A 186 25.90 16.11 6.06
N GLY A 187 24.60 15.99 6.35
CA GLY A 187 24.15 15.52 7.63
C GLY A 187 22.92 16.28 8.07
N ARG A 188 22.66 16.27 9.37
CA ARG A 188 21.54 16.99 9.96
C ARG A 188 22.06 18.17 10.76
N HIS A 189 21.37 19.30 10.65
CA HIS A 189 21.80 20.54 11.27
C HIS A 189 20.61 21.24 11.90
N VAL A 190 20.86 21.92 13.01
CA VAL A 190 19.92 22.88 13.56
C VAL A 190 20.10 24.20 12.82
N LYS A 191 19.16 25.12 12.97
CA LYS A 191 19.23 26.39 12.24
C LYS A 191 18.24 27.35 12.91
N THR A 192 18.31 28.62 12.50
CA THR A 192 17.42 29.62 13.07
C THR A 192 17.13 30.71 12.03
N TYR A 193 16.00 31.38 12.24
CA TYR A 193 15.57 32.50 11.42
C TYR A 193 14.80 33.50 12.27
N GLU A 194 14.64 34.70 11.74
CA GLU A 194 13.67 35.67 12.25
C GLU A 194 12.55 35.81 11.23
N VAL A 195 11.31 35.70 11.69
CA VAL A 195 10.13 35.75 10.82
C VAL A 195 9.59 37.18 10.89
N SER A 196 10.08 38.04 10.00
CA SER A 196 9.68 39.44 10.02
C SER A 196 8.25 39.56 9.49
N LEU A 197 7.34 40.05 10.32
CA LEU A 197 5.96 40.22 9.89
C LEU A 197 5.77 41.42 8.97
N ARG A 198 6.77 42.27 8.82
CA ARG A 198 6.68 43.45 7.95
C ARG A 198 7.10 43.12 6.52
N GLU A 199 8.34 42.65 6.34
CA GLU A 199 8.82 42.31 5.01
C GLU A 199 8.22 41.02 4.46
N LYS A 200 7.56 40.22 5.30
CA LYS A 200 7.06 38.91 4.90
C LYS A 200 8.19 38.08 4.29
N GLU A 201 9.25 37.91 5.07
CA GLU A 201 10.45 37.22 4.60
C GLU A 201 11.28 36.81 5.80
N PHE A 202 12.21 35.90 5.56
CA PHE A 202 13.11 35.44 6.62
C PHE A 202 14.36 36.31 6.69
N ASN A 203 14.92 36.39 7.89
CA ASN A 203 16.20 37.05 8.14
C ASN A 203 17.04 36.12 9.02
N LYS A 204 18.36 36.25 8.91
CA LYS A 204 19.23 35.36 9.67
C LYS A 204 18.99 35.53 11.15
N GLY A 205 19.04 34.42 11.88
CA GLY A 205 18.62 34.38 13.26
C GLY A 205 19.75 34.64 14.25
N PRO A 206 19.50 34.33 15.53
CA PRO A 206 20.47 34.67 16.57
C PRO A 206 21.75 33.85 16.54
N TRP A 207 21.67 32.53 16.38
CA TRP A 207 22.86 31.69 16.44
C TRP A 207 22.97 30.86 15.17
N LYS A 208 24.10 30.17 15.05
CA LYS A 208 24.52 29.59 13.79
C LYS A 208 24.06 28.14 13.65
N GLN A 209 24.04 27.68 12.41
CA GLN A 209 23.82 26.27 12.11
C GLN A 209 24.96 25.43 12.69
N GLU A 210 24.64 24.20 13.09
CA GLU A 210 25.63 23.34 13.70
C GLU A 210 25.16 21.90 13.57
N ASN A 211 26.11 20.99 13.37
CA ASN A 211 25.78 19.58 13.21
C ASN A 211 25.19 19.00 14.49
N VAL A 212 24.38 17.96 14.33
CA VAL A 212 23.72 17.27 15.43
C VAL A 212 23.76 15.77 15.13
N GLU A 213 23.28 14.98 16.09
CA GLU A 213 23.30 13.54 15.94
C GLU A 213 22.40 13.12 14.78
N ALA A 214 22.81 12.05 14.10
CA ALA A 214 22.15 11.65 12.86
C ALA A 214 20.65 11.45 13.04
N GLU A 215 20.21 11.01 14.21
CA GLU A 215 18.81 10.73 14.45
C GLU A 215 18.08 11.84 15.18
N ALA A 216 18.71 12.99 15.38
CA ALA A 216 18.06 14.11 16.05
C ALA A 216 16.67 14.30 15.48
N SER A 217 15.65 14.14 16.33
CA SER A 217 14.28 14.07 15.83
C SER A 217 13.26 14.81 16.67
N MET A 218 13.67 15.66 17.61
CA MET A 218 12.71 16.43 18.39
C MET A 218 13.33 17.74 18.80
N VAL A 219 12.47 18.73 19.06
CA VAL A 219 12.89 20.08 19.41
C VAL A 219 12.06 20.56 20.59
N ILE A 220 12.73 21.06 21.63
CA ILE A 220 12.09 21.61 22.81
C ILE A 220 12.61 23.01 23.02
N ALA A 221 11.70 23.96 23.22
CA ALA A 221 12.05 25.36 23.44
C ALA A 221 11.90 25.68 24.92
N VAL A 222 13.03 25.98 25.57
CA VAL A 222 13.05 26.23 27.01
C VAL A 222 12.55 27.65 27.27
N PRO A 223 11.83 27.92 28.36
CA PRO A 223 11.43 29.29 28.64
C PRO A 223 12.54 30.11 29.26
N GLU A 224 12.22 31.34 29.67
CA GLU A 224 13.19 32.17 30.35
C GLU A 224 13.50 31.57 31.73
N PRO A 225 14.70 31.81 32.27
CA PRO A 225 15.83 32.55 31.69
C PRO A 225 16.76 31.64 30.89
N PHE A 226 16.57 30.32 31.01
CA PHE A 226 17.53 29.37 30.45
C PHE A 226 17.81 29.61 28.99
N GLY A 227 16.77 29.77 28.17
CA GLY A 227 16.96 30.09 26.78
C GLY A 227 17.22 28.84 25.95
N GLY A 228 17.47 29.07 24.67
CA GLY A 228 17.85 27.99 23.77
C GLY A 228 16.83 26.88 23.63
N ALA A 229 17.25 25.83 22.94
CA ALA A 229 16.44 24.65 22.71
C ALA A 229 17.28 23.39 22.85
N ILE A 230 16.63 22.29 23.20
CA ILE A 230 17.27 20.99 23.41
C ILE A 230 16.89 20.09 22.23
N ILE A 231 17.88 19.39 21.69
CA ILE A 231 17.69 18.49 20.56
C ILE A 231 17.80 17.07 21.07
N ILE A 232 16.71 16.32 20.98
CA ILE A 232 16.62 14.96 21.52
C ILE A 232 16.94 13.97 20.42
N GLY A 233 17.98 13.17 20.62
CA GLY A 233 18.45 12.23 19.63
C GLY A 233 18.22 10.78 20.02
N GLN A 234 18.71 9.89 19.17
CA GLN A 234 18.59 8.46 19.40
C GLN A 234 19.57 7.97 20.47
N GLU A 235 20.78 8.53 20.49
CA GLU A 235 21.82 8.07 21.41
C GLU A 235 22.41 9.18 22.27
N SER A 236 21.93 10.41 22.14
CA SER A 236 22.48 11.51 22.93
C SER A 236 21.48 12.66 22.94
N ILE A 237 21.71 13.58 23.88
CA ILE A 237 20.87 14.77 24.04
C ILE A 237 21.79 15.97 24.14
N THR A 238 21.39 17.07 23.51
CA THR A 238 22.22 18.26 23.44
C THR A 238 21.38 19.49 23.72
N TYR A 239 22.02 20.53 24.25
CA TYR A 239 21.38 21.81 24.53
C TYR A 239 22.18 22.91 23.85
N HIS A 240 21.52 23.69 23.00
CA HIS A 240 22.18 24.70 22.19
C HIS A 240 21.58 26.06 22.48
N ASN A 241 22.44 27.04 22.80
CA ASN A 241 22.01 28.42 22.97
C ASN A 241 23.22 29.32 22.71
N GLY A 242 23.29 29.90 21.53
CA GLY A 242 24.40 30.78 21.21
C GLY A 242 25.73 30.10 21.46
N ASP A 243 26.64 30.82 22.13
CA ASP A 243 27.92 30.23 22.48
C ASP A 243 27.78 29.08 23.45
N LYS A 244 26.67 29.01 24.20
CA LYS A 244 26.47 27.90 25.12
C LYS A 244 26.23 26.62 24.34
N TYR A 245 26.79 25.52 24.85
CA TYR A 245 26.62 24.22 24.21
C TYR A 245 26.85 23.15 25.27
N LEU A 246 25.92 22.19 25.35
CA LEU A 246 26.01 21.13 26.33
C LEU A 246 25.41 19.86 25.74
N ALA A 247 25.98 18.71 26.14
CA ALA A 247 25.55 17.43 25.61
C ALA A 247 25.64 16.38 26.69
N ILE A 248 24.83 15.34 26.54
CA ILE A 248 24.85 14.19 27.45
C ILE A 248 24.44 12.96 26.66
N ALA A 249 25.08 11.82 26.94
CA ALA A 249 24.82 10.56 26.24
C ALA A 249 24.65 9.45 27.27
N PRO A 250 23.57 9.49 28.05
CA PRO A 250 23.37 8.48 29.09
C PRO A 250 23.03 7.14 28.47
N PRO A 251 23.71 6.05 28.89
CA PRO A 251 23.39 4.74 28.32
C PRO A 251 21.97 4.27 28.61
N ILE A 252 21.30 4.85 29.61
CA ILE A 252 20.00 4.33 30.01
C ILE A 252 19.01 4.41 28.86
N ILE A 253 18.99 5.52 28.12
CA ILE A 253 18.03 5.69 27.04
C ILE A 253 18.46 5.02 25.76
N LYS A 254 19.71 4.57 25.65
CA LYS A 254 20.19 3.96 24.42
C LYS A 254 19.48 2.65 24.11
N GLN A 255 18.68 2.12 25.03
CA GLN A 255 17.97 0.87 24.78
C GLN A 255 16.78 1.05 23.85
N SER A 256 16.17 2.23 23.83
CA SER A 256 14.95 2.45 23.07
C SER A 256 14.83 3.92 22.70
N THR A 257 13.95 4.21 21.75
CA THR A 257 13.76 5.54 21.22
C THR A 257 12.80 6.34 22.09
N ILE A 258 12.86 7.66 21.95
CA ILE A 258 12.02 8.59 22.69
C ILE A 258 11.03 9.23 21.72
N VAL A 259 9.78 9.37 22.14
CA VAL A 259 8.70 9.71 21.22
C VAL A 259 7.89 10.93 21.64
N CYS A 260 7.88 11.34 22.90
CA CYS A 260 7.07 12.49 23.29
C CYS A 260 7.69 13.17 24.50
N HIS A 261 7.27 14.41 24.74
CA HIS A 261 7.84 15.22 25.81
C HIS A 261 6.82 16.26 26.23
N ASN A 262 7.04 16.81 27.43
CA ASN A 262 6.22 17.90 27.91
C ASN A 262 6.95 18.63 29.03
N ARG A 263 6.49 19.84 29.32
CA ARG A 263 7.15 20.73 30.26
C ARG A 263 6.41 20.69 31.59
N VAL A 264 7.16 20.47 32.68
CA VAL A 264 6.58 20.30 34.00
C VAL A 264 6.57 21.62 34.76
N ASP A 265 7.74 22.20 34.95
CA ASP A 265 7.87 23.45 35.71
C ASP A 265 7.89 24.63 34.76
N PRO A 266 7.01 25.63 34.94
CA PRO A 266 7.04 26.79 34.03
C PRO A 266 8.42 27.43 33.93
N ASN A 267 9.30 27.14 34.88
CA ASN A 267 10.67 27.62 34.83
C ASN A 267 11.58 26.72 34.00
N GLY A 268 11.06 25.61 33.47
CA GLY A 268 11.83 24.79 32.57
C GLY A 268 12.91 23.95 33.20
N SER A 269 12.84 23.70 34.50
CA SER A 269 13.84 22.87 35.15
C SER A 269 13.64 21.38 34.87
N ARG A 270 12.39 20.94 34.74
CA ARG A 270 12.08 19.52 34.69
C ARG A 270 11.23 19.21 33.46
N TYR A 271 11.59 18.14 32.76
CA TYR A 271 10.85 17.67 31.59
C TYR A 271 10.64 16.17 31.69
N LEU A 272 9.56 15.70 31.07
CA LEU A 272 9.23 14.28 30.99
C LEU A 272 9.44 13.80 29.56
N LEU A 273 10.04 12.63 29.41
CA LEU A 273 10.30 12.04 28.09
C LEU A 273 9.64 10.68 28.04
N GLY A 274 8.74 10.49 27.07
CA GLY A 274 8.13 9.19 26.87
C GLY A 274 9.07 8.23 26.16
N ASP A 275 8.77 6.94 26.29
CA ASP A 275 9.58 5.90 25.69
C ASP A 275 8.69 4.89 24.98
N MET A 276 9.22 4.28 23.92
CA MET A 276 8.45 3.30 23.16
C MET A 276 8.25 1.99 23.91
N GLU A 277 9.10 1.69 24.89
CA GLU A 277 8.92 0.49 25.70
C GLU A 277 8.04 0.73 26.91
N GLY A 278 7.50 1.95 27.07
CA GLY A 278 6.66 2.28 28.20
C GLY A 278 7.36 3.07 29.29
N ARG A 279 8.69 3.11 29.29
CA ARG A 279 9.41 3.86 30.30
C ARG A 279 9.00 5.33 30.27
N LEU A 280 9.17 6.00 31.41
CA LEU A 280 8.78 7.39 31.59
C LEU A 280 9.93 8.12 32.28
N PHE A 281 10.88 8.61 31.48
CA PHE A 281 12.05 9.29 32.02
C PHE A 281 11.69 10.70 32.48
N MET A 282 12.54 11.25 33.34
CA MET A 282 12.48 12.65 33.71
C MET A 282 13.82 13.30 33.43
N LEU A 283 13.77 14.50 32.86
CA LEU A 283 14.96 15.24 32.46
C LEU A 283 15.12 16.44 33.39
N LEU A 284 16.26 16.51 34.07
CA LEU A 284 16.54 17.57 35.02
C LEU A 284 17.56 18.53 34.43
N LEU A 285 17.24 19.82 34.47
CA LEU A 285 18.17 20.87 34.10
C LEU A 285 18.68 21.55 35.38
N GLU A 286 19.98 21.47 35.61
CA GLU A 286 20.60 22.02 36.81
C GLU A 286 21.16 23.40 36.48
N LYS A 287 20.65 24.42 37.15
CA LYS A 287 21.00 25.79 36.80
C LYS A 287 22.24 26.25 37.54
N GLU A 288 22.83 27.33 37.03
CA GLU A 288 24.01 27.94 37.63
C GLU A 288 23.93 29.44 37.43
N GLU A 289 24.49 30.18 38.39
CA GLU A 289 24.45 31.62 38.39
C GLU A 289 25.84 32.17 38.69
N GLN A 290 26.04 33.44 38.40
CA GLN A 290 27.34 34.08 38.48
C GLN A 290 27.20 35.42 39.22
N MET A 291 28.32 36.12 39.35
CA MET A 291 28.33 37.41 40.03
C MET A 291 27.53 38.46 39.28
N ASP A 292 27.35 38.30 37.97
CA ASP A 292 26.61 39.28 37.17
C ASP A 292 25.11 39.23 37.43
N GLY A 293 24.62 38.24 38.18
CA GLY A 293 23.20 38.08 38.41
C GLY A 293 22.47 37.30 37.33
N THR A 294 23.15 36.91 36.27
CA THR A 294 22.53 36.13 35.21
C THR A 294 22.48 34.65 35.61
N VAL A 295 21.69 33.89 34.85
CA VAL A 295 21.52 32.45 35.10
C VAL A 295 21.90 31.71 33.83
N THR A 296 22.50 30.53 34.00
CA THR A 296 22.94 29.73 32.87
C THR A 296 22.89 28.27 33.28
N LEU A 297 22.87 27.40 32.26
CA LEU A 297 22.83 25.96 32.48
C LEU A 297 24.25 25.41 32.63
N LYS A 298 24.37 24.34 33.41
CA LYS A 298 25.67 23.74 33.70
C LYS A 298 25.72 22.23 33.54
N ASP A 299 24.59 21.53 33.53
CA ASP A 299 24.59 20.08 33.42
C ASP A 299 23.18 19.59 33.16
N LEU A 300 23.09 18.37 32.63
CA LEU A 300 21.82 17.72 32.33
C LEU A 300 21.80 16.35 32.97
N ARG A 301 20.65 15.96 33.51
CA ARG A 301 20.50 14.68 34.18
C ARG A 301 19.21 14.02 33.71
N VAL A 302 19.26 12.70 33.52
CA VAL A 302 18.10 11.91 33.11
C VAL A 302 17.98 10.73 34.07
N GLU A 303 16.79 10.53 34.63
CA GLU A 303 16.53 9.43 35.55
C GLU A 303 15.23 8.75 35.19
N LEU A 304 15.15 7.46 35.48
CA LEU A 304 14.01 6.63 35.12
C LEU A 304 13.01 6.61 36.27
N LEU A 305 11.74 6.87 35.95
CA LEU A 305 10.70 6.88 36.98
C LEU A 305 9.94 5.56 37.08
N GLY A 306 9.66 4.91 35.96
CA GLY A 306 8.93 3.65 36.02
C GLY A 306 8.39 3.19 34.68
N GLU A 307 7.17 2.68 34.68
CA GLU A 307 6.55 2.13 33.49
C GLU A 307 5.11 2.61 33.38
N THR A 308 4.66 2.81 32.14
CA THR A 308 3.29 3.21 31.87
C THR A 308 2.91 2.66 30.50
N SER A 309 1.66 2.94 30.10
CA SER A 309 1.22 2.54 28.77
C SER A 309 2.07 3.23 27.72
N ILE A 310 2.21 2.59 26.56
CA ILE A 310 2.97 3.21 25.48
C ILE A 310 2.32 4.55 25.16
N ALA A 311 3.12 5.60 25.15
CA ALA A 311 2.61 6.96 25.20
C ALA A 311 2.72 7.64 23.84
N GLU A 312 1.65 8.33 23.45
CA GLU A 312 1.66 9.21 22.30
C GLU A 312 1.76 10.67 22.69
N CYS A 313 1.50 10.99 23.95
CA CYS A 313 1.63 12.35 24.45
C CYS A 313 1.44 12.35 25.95
N LEU A 314 2.22 13.19 26.64
CA LEU A 314 2.17 13.33 28.08
C LEU A 314 1.77 14.76 28.44
N THR A 315 1.38 14.96 29.69
CA THR A 315 1.05 16.29 30.16
C THR A 315 0.94 16.27 31.68
N TYR A 316 1.25 17.42 32.28
CA TYR A 316 1.28 17.58 33.73
C TYR A 316 0.11 18.48 34.16
N LEU A 317 -0.54 18.11 35.26
CA LEU A 317 -1.66 18.87 35.77
C LEU A 317 -1.36 19.49 37.13
N ASP A 318 -1.01 18.69 38.14
CA ASP A 318 -0.84 19.19 39.49
C ASP A 318 -0.40 18.08 40.43
N ASN A 319 0.30 18.45 41.50
CA ASN A 319 0.65 17.53 42.58
C ASN A 319 1.20 16.20 42.04
N GLY A 320 1.93 16.26 40.93
CA GLY A 320 2.49 15.07 40.36
C GLY A 320 1.53 14.20 39.59
N VAL A 321 0.32 14.67 39.31
CA VAL A 321 -0.63 13.91 38.51
C VAL A 321 -0.32 14.14 37.04
N VAL A 322 -0.01 13.06 36.33
CA VAL A 322 0.37 13.12 34.91
C VAL A 322 -0.62 12.29 34.11
N PHE A 323 -1.05 12.83 32.98
CA PHE A 323 -1.97 12.14 32.09
C PHE A 323 -1.19 11.58 30.90
N VAL A 324 -1.39 10.30 30.62
CA VAL A 324 -0.73 9.63 29.51
C VAL A 324 -1.79 9.19 28.51
N GLY A 325 -1.83 9.85 27.36
CA GLY A 325 -2.65 9.39 26.27
C GLY A 325 -2.00 8.22 25.56
N SER A 326 -2.78 7.54 24.71
CA SER A 326 -2.25 6.37 24.04
C SER A 326 -2.96 6.14 22.72
N ARG A 327 -2.20 5.65 21.74
CA ARG A 327 -2.72 5.13 20.49
C ARG A 327 -2.62 3.62 20.40
N LEU A 328 -1.95 2.98 21.35
CA LEU A 328 -1.72 1.53 21.32
C LEU A 328 -2.10 0.86 22.63
N GLY A 329 -2.84 1.53 23.50
CA GLY A 329 -3.17 0.94 24.78
C GLY A 329 -4.12 1.77 25.61
N ASP A 330 -4.00 1.68 26.93
CA ASP A 330 -4.91 2.35 27.85
C ASP A 330 -4.37 3.73 28.21
N SER A 331 -5.26 4.71 28.24
CA SER A 331 -4.90 6.04 28.69
C SER A 331 -4.95 6.08 30.21
N GLN A 332 -3.82 6.43 30.83
CA GLN A 332 -3.65 6.29 32.27
C GLN A 332 -3.42 7.65 32.91
N LEU A 333 -3.87 7.77 34.16
CA LEU A 333 -3.48 8.84 35.05
C LEU A 333 -2.51 8.26 36.08
N VAL A 334 -1.35 8.89 36.23
CA VAL A 334 -0.31 8.38 37.12
C VAL A 334 0.04 9.44 38.15
N LYS A 335 0.47 8.97 39.32
CA LYS A 335 0.92 9.81 40.41
C LYS A 335 2.44 9.69 40.52
N LEU A 336 3.13 10.82 40.56
CA LEU A 336 4.59 10.83 40.72
C LEU A 336 4.91 11.08 42.19
N ASN A 337 5.30 10.02 42.90
CA ASN A 337 5.59 10.11 44.31
C ASN A 337 6.97 10.73 44.51
N VAL A 338 7.36 10.91 45.77
CA VAL A 338 8.65 11.52 46.10
C VAL A 338 9.72 10.47 46.36
N ASP A 339 9.35 9.20 46.52
CA ASP A 339 10.29 8.13 46.85
C ASP A 339 10.01 6.93 45.97
N SER A 340 11.04 6.09 45.78
CA SER A 340 10.86 4.85 45.03
C SER A 340 9.90 3.93 45.76
N ASN A 341 9.07 3.22 45.00
CA ASN A 341 7.99 2.42 45.57
C ASN A 341 8.31 0.92 45.51
N GLU A 342 9.11 0.45 46.46
CA GLU A 342 9.36 -0.98 46.67
C GLU A 342 10.11 -1.69 45.54
N GLN A 343 10.28 -1.06 44.40
CA GLN A 343 10.90 -1.74 43.26
C GLN A 343 11.84 -0.86 42.46
N GLY A 344 12.09 0.37 42.88
CA GLY A 344 12.75 1.35 42.06
C GLY A 344 11.83 2.14 41.16
N SER A 345 10.53 1.84 41.18
CA SER A 345 9.55 2.58 40.42
C SER A 345 8.93 3.66 41.29
N TYR A 346 8.84 4.88 40.76
CA TYR A 346 8.23 6.00 41.44
C TYR A 346 6.82 6.28 40.97
N VAL A 347 6.26 5.39 40.15
CA VAL A 347 5.02 5.65 39.42
C VAL A 347 3.92 4.75 39.95
N VAL A 348 2.73 5.31 40.11
CA VAL A 348 1.54 4.57 40.52
C VAL A 348 0.36 5.06 39.70
N ALA A 349 -0.48 4.12 39.28
CA ALA A 349 -1.65 4.45 38.49
C ALA A 349 -2.80 4.88 39.37
N MET A 350 -3.66 5.76 38.84
CA MET A 350 -4.84 6.23 39.55
C MET A 350 -6.13 5.77 38.88
N GLU A 351 -6.31 6.08 37.60
CA GLU A 351 -7.48 5.67 36.85
C GLU A 351 -7.06 5.25 35.46
N THR A 352 -7.81 4.32 34.86
CA THR A 352 -7.54 3.80 33.54
C THR A 352 -8.77 3.97 32.66
N PHE A 353 -8.55 4.37 31.42
CA PHE A 353 -9.61 4.65 30.47
C PHE A 353 -9.73 3.53 29.45
N THR A 354 -10.96 3.29 29.00
CA THR A 354 -11.22 2.23 28.03
C THR A 354 -10.83 2.68 26.63
N ASN A 355 -9.90 1.96 26.01
CA ASN A 355 -9.45 2.23 24.66
C ASN A 355 -9.55 0.94 23.86
N LEU A 356 -10.18 0.99 22.69
CA LEU A 356 -10.40 -0.20 21.89
C LEU A 356 -9.37 -0.38 20.79
N GLY A 357 -9.05 0.68 20.04
CA GLY A 357 -8.15 0.57 18.92
C GLY A 357 -6.74 0.26 19.38
N PRO A 358 -5.88 -0.17 18.45
CA PRO A 358 -6.13 -0.41 17.02
C PRO A 358 -6.70 -1.79 16.72
N ILE A 359 -7.97 -1.89 16.34
CA ILE A 359 -8.55 -3.18 16.01
C ILE A 359 -7.84 -3.75 14.79
N VAL A 360 -7.44 -5.02 14.88
CA VAL A 360 -6.80 -5.71 13.76
C VAL A 360 -7.59 -6.93 13.32
N ASP A 361 -8.70 -7.24 13.96
CA ASP A 361 -9.57 -8.35 13.57
C ASP A 361 -10.76 -8.35 14.51
N MET A 362 -11.84 -9.00 14.08
CA MET A 362 -13.00 -9.17 14.94
C MET A 362 -13.95 -10.15 14.32
N CYS A 363 -14.62 -10.93 15.16
CA CYS A 363 -15.60 -11.92 14.73
C CYS A 363 -16.82 -11.86 15.64
N VAL A 364 -17.99 -12.05 15.05
CA VAL A 364 -19.25 -11.93 15.76
C VAL A 364 -19.72 -13.32 16.16
N VAL A 365 -20.07 -13.49 17.42
CA VAL A 365 -20.49 -14.77 17.96
C VAL A 365 -21.62 -14.53 18.96
N ASP A 366 -22.06 -15.62 19.61
CA ASP A 366 -23.14 -15.57 20.59
C ASP A 366 -22.84 -16.62 21.66
N LEU A 367 -21.98 -16.24 22.62
CA LEU A 367 -21.59 -17.19 23.66
C LEU A 367 -22.77 -17.56 24.55
N GLU A 368 -23.70 -16.64 24.79
CA GLU A 368 -24.88 -16.98 25.57
C GLU A 368 -25.81 -17.92 24.82
N ARG A 369 -25.64 -18.06 23.51
CA ARG A 369 -26.50 -18.91 22.70
C ARG A 369 -27.97 -18.55 22.91
N GLN A 370 -28.24 -17.27 23.14
CA GLN A 370 -29.60 -16.75 23.28
C GLN A 370 -30.02 -15.91 22.09
N GLY A 371 -29.24 -15.89 21.02
CA GLY A 371 -29.51 -14.98 19.92
C GLY A 371 -29.05 -13.57 20.14
N GLN A 372 -28.18 -13.33 21.12
CA GLN A 372 -27.70 -11.99 21.45
C GLN A 372 -26.27 -11.83 20.92
N GLY A 373 -26.02 -10.69 20.28
CA GLY A 373 -24.74 -10.49 19.63
C GLY A 373 -23.62 -10.23 20.62
N GLN A 374 -22.41 -10.62 20.22
CA GLN A 374 -21.21 -10.32 20.98
C GLN A 374 -20.04 -10.20 20.02
N LEU A 375 -19.32 -9.09 20.09
CA LEU A 375 -18.11 -8.87 19.31
C LEU A 375 -16.89 -9.21 20.15
N VAL A 376 -15.97 -9.97 19.58
CA VAL A 376 -14.67 -10.23 20.18
C VAL A 376 -13.64 -9.62 19.25
N THR A 377 -12.81 -8.71 19.79
CA THR A 377 -11.92 -7.91 18.97
C THR A 377 -10.50 -8.00 19.51
N CYS A 378 -9.56 -8.40 18.67
CA CYS A 378 -8.16 -8.20 18.99
C CYS A 378 -7.89 -6.71 19.08
N SER A 379 -6.95 -6.32 19.95
CA SER A 379 -6.70 -4.90 20.15
C SER A 379 -5.29 -4.73 20.70
N GLY A 380 -4.81 -3.49 20.60
CA GLY A 380 -3.52 -3.14 21.17
C GLY A 380 -2.37 -3.63 20.32
N ALA A 381 -1.18 -3.31 20.79
CA ALA A 381 0.05 -3.76 20.15
C ALA A 381 1.11 -3.93 21.22
N PHE A 382 2.09 -4.79 20.94
CA PHE A 382 3.20 -5.00 21.85
C PHE A 382 2.67 -5.31 23.25
N LYS A 383 3.27 -4.72 24.28
CA LYS A 383 2.97 -5.14 25.65
C LYS A 383 1.55 -4.78 26.10
N GLU A 384 0.70 -4.22 25.23
CA GLU A 384 -0.66 -3.88 25.60
C GLU A 384 -1.72 -4.66 24.82
N GLY A 385 -1.34 -5.74 24.16
CA GLY A 385 -2.32 -6.53 23.43
C GLY A 385 -3.37 -7.11 24.35
N SER A 386 -4.56 -7.33 23.81
CA SER A 386 -5.68 -7.82 24.61
C SER A 386 -6.84 -8.15 23.68
N LEU A 387 -7.90 -8.70 24.27
CA LEU A 387 -9.15 -8.99 23.58
C LEU A 387 -10.28 -8.27 24.30
N ARG A 388 -11.07 -7.50 23.56
CA ARG A 388 -12.17 -6.73 24.13
C ARG A 388 -13.49 -7.37 23.71
N ILE A 389 -14.15 -8.04 24.64
CA ILE A 389 -15.45 -8.64 24.38
C ILE A 389 -16.51 -7.55 24.55
N ILE A 390 -17.25 -7.27 23.49
CA ILE A 390 -18.20 -6.16 23.45
C ILE A 390 -19.59 -6.74 23.21
N ARG A 391 -20.54 -6.35 24.06
CA ARG A 391 -21.93 -6.72 23.89
C ARG A 391 -22.81 -5.57 24.32
N ASN A 392 -23.97 -5.45 23.69
CA ASN A 392 -24.85 -4.31 23.93
C ASN A 392 -25.36 -4.32 25.36
N GLY A 393 -25.62 -3.12 25.88
CA GLY A 393 -26.08 -2.96 27.25
C GLY A 393 -27.38 -3.69 27.52
N LYS A 405 -24.79 2.78 24.90
CA LYS A 405 -23.89 2.35 25.95
C LYS A 405 -23.49 0.90 25.73
N LEU A 406 -22.26 0.55 26.10
CA LEU A 406 -21.71 -0.78 25.88
C LEU A 406 -21.01 -1.26 27.14
N HIS A 407 -20.95 -2.58 27.28
CA HIS A 407 -20.17 -3.24 28.33
C HIS A 407 -18.95 -3.87 27.70
N ILE A 408 -17.77 -3.53 28.22
CA ILE A 408 -16.50 -3.83 27.55
C ILE A 408 -15.62 -4.56 28.55
N ARG A 409 -15.64 -5.89 28.51
CA ARG A 409 -14.71 -6.69 29.29
C ARG A 409 -13.30 -6.50 28.73
N THR A 410 -12.32 -7.06 29.43
CA THR A 410 -10.93 -6.97 28.99
C THR A 410 -10.19 -8.25 29.34
N VAL A 411 -9.16 -8.55 28.56
CA VAL A 411 -8.29 -9.69 28.81
C VAL A 411 -6.89 -9.38 28.31
N PRO A 412 -5.94 -8.99 29.17
CA PRO A 412 -4.60 -8.72 28.68
C PRO A 412 -3.93 -9.97 28.14
N LEU A 413 -3.09 -9.78 27.12
CA LEU A 413 -2.29 -10.86 26.57
C LEU A 413 -0.80 -10.55 26.58
N TYR A 414 -0.41 -9.31 26.79
CA TYR A 414 1.00 -8.92 26.83
C TYR A 414 1.74 -9.40 25.59
N GLU A 415 1.06 -9.42 24.45
CA GLU A 415 1.71 -9.70 23.18
C GLU A 415 0.77 -9.31 22.05
N SER A 416 1.32 -9.19 20.85
CA SER A 416 0.56 -8.67 19.73
C SER A 416 -0.45 -9.69 19.22
N PRO A 417 -1.75 -9.39 19.19
CA PRO A 417 -2.69 -10.26 18.50
C PRO A 417 -2.84 -9.89 17.03
N ARG A 418 -3.18 -10.90 16.23
CA ARG A 418 -3.33 -10.68 14.79
C ARG A 418 -4.65 -11.20 14.23
N LYS A 419 -5.15 -12.33 14.72
CA LYS A 419 -6.34 -12.95 14.12
C LYS A 419 -7.11 -13.72 15.16
N ILE A 420 -8.38 -13.99 14.85
CA ILE A 420 -9.28 -14.70 15.75
C ILE A 420 -10.34 -15.40 14.93
N CYS A 421 -10.78 -16.57 15.42
CA CYS A 421 -11.82 -17.35 14.77
C CYS A 421 -12.54 -18.17 15.82
N TYR A 422 -13.87 -18.22 15.73
CA TYR A 422 -14.71 -18.86 16.72
C TYR A 422 -15.03 -20.29 16.31
N GLN A 423 -14.83 -21.24 17.22
CA GLN A 423 -15.00 -22.66 16.95
C GLN A 423 -15.99 -23.21 17.96
N GLU A 424 -17.21 -23.49 17.52
CA GLU A 424 -18.27 -23.87 18.43
C GLU A 424 -18.14 -25.32 18.90
N VAL A 425 -17.72 -26.22 18.01
CA VAL A 425 -17.81 -27.65 18.31
C VAL A 425 -17.09 -27.98 19.60
N SER A 426 -16.03 -27.24 19.94
CA SER A 426 -15.33 -27.41 21.19
C SER A 426 -15.36 -26.16 22.05
N GLN A 427 -16.01 -25.09 21.59
CA GLN A 427 -16.23 -23.89 22.41
C GLN A 427 -14.91 -23.28 22.88
N CYS A 428 -14.11 -22.82 21.93
CA CYS A 428 -12.89 -22.11 22.25
C CYS A 428 -12.45 -21.28 21.05
N PHE A 429 -11.96 -20.07 21.32
CA PHE A 429 -11.41 -19.24 20.28
C PHE A 429 -10.01 -19.70 19.91
N GLY A 430 -9.61 -19.44 18.67
CA GLY A 430 -8.23 -19.63 18.27
C GLY A 430 -7.64 -18.30 17.85
N VAL A 431 -6.53 -17.92 18.46
CA VAL A 431 -5.94 -16.59 18.27
C VAL A 431 -4.47 -16.75 17.89
N LEU A 432 -4.06 -16.08 16.81
CA LEU A 432 -2.66 -15.91 16.51
C LEU A 432 -2.11 -14.77 17.34
N SER A 433 -0.80 -14.76 17.53
CA SER A 433 -0.18 -13.67 18.25
C SER A 433 1.33 -13.68 18.01
N SER A 434 1.96 -12.57 18.39
CA SER A 434 3.40 -12.40 18.20
C SER A 434 3.95 -11.52 19.31
N ARG A 435 5.03 -11.97 19.94
CA ARG A 435 5.74 -11.19 20.94
C ARG A 435 7.06 -10.70 20.34
N ILE A 436 7.85 -10.02 21.17
CA ILE A 436 9.13 -9.46 20.76
C ILE A 436 10.22 -10.04 21.65
N GLU A 437 11.27 -10.58 21.04
CA GLU A 437 12.43 -11.06 21.77
C GLU A 437 13.68 -10.46 21.14
N VAL A 438 14.76 -10.44 21.93
CA VAL A 438 16.02 -9.84 21.52
C VAL A 438 17.03 -10.97 21.30
N GLN A 439 17.71 -10.93 20.15
CA GLN A 439 18.73 -11.92 19.83
C GLN A 439 19.80 -11.96 20.92
N GLY A 444 21.14 -16.57 20.56
CA GLY A 444 19.93 -17.07 21.16
C GLY A 444 18.97 -15.96 21.57
N THR A 445 17.68 -16.21 21.40
CA THR A 445 16.66 -15.23 21.73
C THR A 445 16.22 -15.38 23.18
N THR A 446 15.79 -14.27 23.78
CA THR A 446 15.32 -14.25 25.16
C THR A 446 14.03 -13.45 25.24
N ALA A 447 13.19 -13.82 26.21
CA ALA A 447 11.93 -13.14 26.41
C ALA A 447 12.14 -11.84 27.19
N LEU A 448 11.24 -10.88 26.97
CA LEU A 448 11.30 -9.59 27.64
C LEU A 448 10.42 -9.52 28.88
N ARG A 449 9.25 -10.15 28.83
CA ARG A 449 8.30 -10.12 29.94
C ARG A 449 7.38 -11.32 29.80
N PRO A 450 6.73 -11.74 30.89
CA PRO A 450 5.75 -12.84 30.76
C PRO A 450 4.64 -12.48 29.78
N SER A 451 4.14 -13.51 29.10
CA SER A 451 3.07 -13.31 28.13
C SER A 451 2.29 -14.60 27.98
N ALA A 452 1.10 -14.50 27.37
CA ALA A 452 0.23 -15.65 27.24
C ALA A 452 0.93 -16.80 26.53
N SER A 453 1.87 -16.51 25.64
CA SER A 453 2.53 -17.56 24.87
C SER A 453 3.36 -18.49 25.74
N THR A 454 3.71 -18.07 26.96
CA THR A 454 4.44 -18.92 27.89
C THR A 454 3.73 -19.05 29.24
N GLN A 455 2.51 -18.51 29.36
CA GLN A 455 1.72 -18.62 30.58
C GLN A 455 0.49 -19.50 30.39
N ALA A 456 0.49 -20.37 29.39
CA ALA A 456 -0.64 -21.22 29.11
C ALA A 456 -0.55 -22.53 29.89
N LEU A 457 -1.70 -23.20 30.02
CA LEU A 457 -1.75 -24.44 30.76
C LEU A 457 -0.90 -25.53 30.12
N SER A 458 -0.71 -25.48 28.81
CA SER A 458 0.08 -26.48 28.10
C SER A 458 0.65 -25.87 26.83
N SER A 459 1.84 -26.31 26.43
CA SER A 459 2.56 -25.70 25.33
C SER A 459 3.19 -26.76 24.46
N SER A 460 3.40 -26.43 23.19
CA SER A 460 4.10 -27.27 22.24
C SER A 460 4.65 -26.40 21.13
N VAL A 461 5.60 -26.95 20.38
CA VAL A 461 6.27 -26.22 19.31
C VAL A 461 6.19 -27.04 18.03
N SER A 462 6.35 -26.36 16.90
CA SER A 462 6.36 -27.01 15.61
C SER A 462 7.79 -27.36 15.23
N SER A 463 7.97 -28.57 14.66
CA SER A 463 9.31 -29.06 14.35
C SER A 463 9.39 -29.75 12.99
N SER A 464 8.38 -29.61 12.13
CA SER A 464 8.40 -30.26 10.82
C SER A 464 9.62 -29.83 10.01
N GLU A 480 19.46 -7.36 18.24
CA GLU A 480 18.34 -7.03 17.37
C GLU A 480 17.07 -7.72 17.86
N GLU A 481 15.92 -7.17 17.50
CA GLU A 481 14.62 -7.71 17.87
C GLU A 481 14.08 -8.57 16.73
N VAL A 482 13.67 -9.79 17.06
CA VAL A 482 13.11 -10.73 16.10
C VAL A 482 11.78 -11.22 16.64
N GLU A 483 10.76 -11.20 15.78
CA GLU A 483 9.42 -11.63 16.19
C GLU A 483 9.33 -13.15 16.21
N VAL A 484 8.45 -13.65 17.07
CA VAL A 484 8.08 -15.06 17.12
C VAL A 484 6.58 -15.13 17.29
N HIS A 485 5.93 -15.99 16.50
CA HIS A 485 4.49 -16.03 16.40
C HIS A 485 3.94 -17.29 17.05
N ASN A 486 2.82 -17.14 17.76
CA ASN A 486 2.17 -18.25 18.45
C ASN A 486 0.71 -18.30 18.05
N LEU A 487 0.16 -19.52 18.10
CA LEU A 487 -1.27 -19.74 17.95
C LEU A 487 -1.83 -20.16 19.30
N LEU A 488 -2.81 -19.43 19.79
CA LEU A 488 -3.37 -19.65 21.12
C LEU A 488 -4.78 -20.23 21.00
N ILE A 489 -5.10 -21.16 21.90
CA ILE A 489 -6.47 -21.66 22.07
C ILE A 489 -6.99 -21.08 23.37
N ILE A 490 -8.10 -20.35 23.30
CA ILE A 490 -8.65 -19.64 24.44
C ILE A 490 -10.05 -20.17 24.71
N ASP A 491 -10.31 -20.54 25.96
CA ASP A 491 -11.62 -21.06 26.32
C ASP A 491 -12.64 -19.93 26.37
N GLN A 492 -13.87 -20.25 25.95
CA GLN A 492 -14.90 -19.22 25.86
C GLN A 492 -15.43 -18.84 27.24
N HIS A 493 -15.45 -19.78 28.19
CA HIS A 493 -16.05 -19.50 29.49
C HIS A 493 -15.15 -18.64 30.37
N THR A 494 -13.84 -18.95 30.40
CA THR A 494 -12.92 -18.32 31.35
C THR A 494 -11.83 -17.48 30.70
N PHE A 495 -11.65 -17.57 29.37
CA PHE A 495 -10.59 -16.83 28.69
C PHE A 495 -9.21 -17.14 29.27
N GLU A 496 -9.06 -18.32 29.85
CA GLU A 496 -7.73 -18.80 30.21
C GLU A 496 -7.04 -19.39 28.98
N VAL A 497 -5.73 -19.21 28.93
CA VAL A 497 -4.97 -19.61 27.75
C VAL A 497 -4.78 -21.11 27.79
N LEU A 498 -5.67 -21.85 27.12
CA LEU A 498 -5.64 -23.30 27.21
C LEU A 498 -4.33 -23.86 26.66
N HIS A 499 -3.89 -23.37 25.51
CA HIS A 499 -2.70 -23.94 24.90
C HIS A 499 -2.12 -22.95 23.90
N ALA A 500 -0.81 -23.06 23.67
CA ALA A 500 -0.09 -22.18 22.76
C ALA A 500 0.85 -23.00 21.90
N HIS A 501 0.82 -22.77 20.59
CA HIS A 501 1.67 -23.46 19.63
C HIS A 501 2.58 -22.44 18.98
N GLN A 502 3.89 -22.71 19.00
CA GLN A 502 4.88 -21.81 18.44
C GLN A 502 5.26 -22.26 17.04
N PHE A 503 5.25 -21.32 16.09
CA PHE A 503 5.55 -21.62 14.71
C PHE A 503 7.06 -21.63 14.49
N LEU A 504 7.46 -22.15 13.33
CA LEU A 504 8.87 -22.36 13.05
C LEU A 504 9.63 -21.03 13.11
N GLN A 505 10.95 -21.14 13.10
CA GLN A 505 11.81 -19.97 13.21
C GLN A 505 11.61 -19.05 12.01
N ASN A 506 11.47 -17.76 12.28
CA ASN A 506 11.32 -16.70 11.27
C ASN A 506 9.97 -16.75 10.56
N GLU A 507 9.13 -17.74 10.85
CA GLU A 507 7.87 -17.90 10.15
C GLU A 507 6.81 -16.98 10.74
N TYR A 508 6.02 -16.35 9.87
CA TYR A 508 4.97 -15.42 10.28
C TYR A 508 3.62 -15.99 9.91
N ALA A 509 2.75 -16.16 10.91
CA ALA A 509 1.37 -16.55 10.66
C ALA A 509 0.59 -15.33 10.17
N LEU A 510 -0.23 -15.52 9.15
CA LEU A 510 -0.91 -14.42 8.50
C LEU A 510 -2.43 -14.55 8.43
N SER A 511 -2.97 -15.76 8.29
CA SER A 511 -4.41 -15.92 8.18
C SER A 511 -4.84 -17.20 8.87
N LEU A 512 -6.07 -17.19 9.38
CA LEU A 512 -6.61 -18.29 10.16
C LEU A 512 -8.09 -18.40 9.89
N VAL A 513 -8.62 -19.62 9.99
CA VAL A 513 -10.05 -19.86 9.77
C VAL A 513 -10.39 -21.23 10.32
N SER A 514 -11.65 -21.39 10.72
CA SER A 514 -12.18 -22.65 11.23
C SER A 514 -13.32 -23.11 10.33
N CYS A 515 -13.26 -24.37 9.91
CA CYS A 515 -14.26 -24.88 8.96
C CYS A 515 -14.24 -26.39 8.99
N LYS A 516 -15.27 -26.98 8.40
CA LYS A 516 -15.35 -28.41 8.16
C LYS A 516 -15.17 -28.66 6.67
N LEU A 517 -14.22 -29.52 6.31
CA LEU A 517 -13.83 -29.71 4.92
C LEU A 517 -14.52 -30.92 4.34
N GLY A 518 -15.06 -30.77 3.12
CA GLY A 518 -15.62 -31.88 2.40
C GLY A 518 -16.63 -32.66 3.22
N LYS A 519 -16.48 -33.99 3.19
CA LYS A 519 -17.37 -34.89 3.92
C LYS A 519 -16.87 -35.24 5.31
N ASP A 520 -15.69 -34.79 5.69
CA ASP A 520 -15.11 -35.17 6.96
C ASP A 520 -15.87 -34.52 8.10
N PRO A 521 -16.38 -35.28 9.08
CA PRO A 521 -17.18 -34.67 10.15
C PRO A 521 -16.38 -33.85 11.16
N ASN A 522 -15.05 -33.87 11.10
CA ASN A 522 -14.25 -33.14 12.07
C ASN A 522 -14.33 -31.64 11.81
N THR A 523 -13.76 -30.86 12.74
CA THR A 523 -13.62 -29.43 12.61
C THR A 523 -12.17 -29.05 12.87
N TYR A 524 -11.59 -28.25 11.97
CA TYR A 524 -10.15 -27.99 11.98
C TYR A 524 -9.88 -26.50 12.03
N PHE A 525 -8.75 -26.15 12.64
CA PHE A 525 -8.14 -24.84 12.47
C PHE A 525 -7.16 -24.89 11.30
N ILE A 526 -7.22 -23.90 10.43
CA ILE A 526 -6.32 -23.79 9.30
C ILE A 526 -5.59 -22.46 9.40
N VAL A 527 -4.26 -22.50 9.33
CA VAL A 527 -3.43 -21.32 9.51
C VAL A 527 -2.47 -21.23 8.33
N GLY A 528 -2.36 -20.04 7.75
CA GLY A 528 -1.45 -19.79 6.64
C GLY A 528 -0.24 -19.02 7.12
N THR A 529 0.93 -19.44 6.65
CA THR A 529 2.21 -18.89 7.10
C THR A 529 3.06 -18.53 5.90
N ALA A 530 4.01 -17.62 6.13
CA ALA A 530 4.91 -17.15 5.08
C ALA A 530 6.31 -16.99 5.65
N MET A 531 7.26 -17.74 5.12
CA MET A 531 8.65 -17.60 5.55
C MET A 531 9.19 -16.24 5.12
N VAL A 532 10.26 -15.81 5.78
CA VAL A 532 10.87 -14.52 5.52
C VAL A 532 12.38 -14.64 5.62
N TYR A 533 13.09 -13.94 4.76
CA TYR A 533 14.54 -13.84 4.77
C TYR A 533 14.94 -12.44 4.34
N PRO A 534 16.10 -11.96 4.80
CA PRO A 534 16.46 -10.56 4.48
C PRO A 534 16.58 -10.26 3.00
N GLU A 535 17.11 -11.20 2.21
CA GLU A 535 17.43 -10.90 0.82
C GLU A 535 16.20 -10.92 -0.09
N GLU A 536 15.21 -11.77 0.20
CA GLU A 536 14.10 -11.96 -0.71
C GLU A 536 13.16 -10.77 -0.67
N ALA A 537 12.79 -10.26 -1.85
CA ALA A 537 11.83 -9.17 -1.94
C ALA A 537 10.39 -9.66 -2.00
N GLU A 538 10.17 -10.87 -2.51
CA GLU A 538 8.84 -11.47 -2.54
C GLU A 538 8.94 -12.86 -1.93
N PRO A 539 8.26 -13.15 -0.82
CA PRO A 539 8.50 -14.41 -0.11
C PRO A 539 8.37 -15.61 -1.06
N LYS A 540 9.34 -16.52 -0.96
CA LYS A 540 9.42 -17.66 -1.86
C LYS A 540 9.07 -18.98 -1.18
N GLN A 541 8.58 -18.94 0.06
CA GLN A 541 8.20 -20.17 0.75
C GLN A 541 7.11 -19.86 1.76
N GLY A 542 6.27 -20.85 2.01
CA GLY A 542 5.19 -20.72 2.97
C GLY A 542 4.59 -22.08 3.24
N ARG A 543 3.64 -22.10 4.18
CA ARG A 543 2.97 -23.34 4.54
C ARG A 543 1.49 -23.08 4.75
N ILE A 544 0.68 -24.11 4.48
CA ILE A 544 -0.71 -24.16 4.90
C ILE A 544 -0.82 -25.33 5.86
N VAL A 545 -1.22 -25.04 7.10
CA VAL A 545 -1.21 -26.02 8.17
C VAL A 545 -2.64 -26.21 8.66
N VAL A 546 -3.00 -27.45 8.93
CA VAL A 546 -4.34 -27.81 9.41
C VAL A 546 -4.19 -28.37 10.82
N PHE A 547 -4.91 -27.76 11.76
CA PHE A 547 -4.93 -28.19 13.16
C PHE A 547 -6.32 -28.65 13.54
N GLN A 548 -6.36 -29.49 14.57
CA GLN A 548 -7.60 -30.00 15.15
C GLN A 548 -7.52 -29.87 16.66
N TYR A 549 -8.66 -29.62 17.29
CA TYR A 549 -8.73 -29.48 18.75
C TYR A 549 -9.77 -30.43 19.30
N SER A 550 -9.31 -31.46 20.00
CA SER A 550 -10.19 -32.37 20.71
C SER A 550 -9.44 -32.92 21.91
N ASP A 551 -10.20 -33.40 22.90
CA ASP A 551 -9.63 -33.87 24.16
C ASP A 551 -8.79 -32.78 24.83
N GLY A 552 -9.16 -31.52 24.60
CA GLY A 552 -8.46 -30.41 25.22
C GLY A 552 -7.01 -30.28 24.80
N LYS A 553 -6.66 -30.76 23.60
CA LYS A 553 -5.29 -30.64 23.12
C LYS A 553 -5.28 -30.23 21.65
N LEU A 554 -4.17 -29.64 21.23
CA LEU A 554 -3.99 -29.09 19.89
C LEU A 554 -2.87 -29.85 19.19
N GLN A 555 -3.15 -30.37 18.00
CA GLN A 555 -2.16 -31.14 17.28
C GLN A 555 -2.32 -30.94 15.78
N THR A 556 -1.22 -31.17 15.06
CA THR A 556 -1.24 -31.07 13.61
C THR A 556 -2.01 -32.25 13.01
N VAL A 557 -2.65 -32.00 11.87
CA VAL A 557 -3.30 -33.05 11.08
C VAL A 557 -2.77 -33.09 9.65
N ALA A 558 -2.71 -31.95 8.99
CA ALA A 558 -2.26 -31.89 7.61
C ALA A 558 -1.51 -30.59 7.37
N GLU A 559 -0.44 -30.66 6.58
CA GLU A 559 0.31 -29.49 6.17
C GLU A 559 0.69 -29.63 4.70
N LYS A 560 0.51 -28.55 3.95
CA LYS A 560 0.85 -28.51 2.53
C LYS A 560 1.79 -27.35 2.28
N GLU A 561 2.94 -27.63 1.67
CA GLU A 561 3.92 -26.60 1.35
C GLU A 561 3.54 -25.90 0.04
N VAL A 562 3.63 -24.58 0.05
CA VAL A 562 3.28 -23.77 -1.12
C VAL A 562 4.43 -22.80 -1.39
N LYS A 563 4.43 -22.26 -2.61
CA LYS A 563 5.48 -21.36 -3.06
C LYS A 563 5.03 -19.90 -2.92
N GLY A 564 4.89 -19.47 -1.67
CA GLY A 564 4.57 -18.08 -1.41
C GLY A 564 3.95 -17.89 -0.04
N ALA A 565 3.62 -16.64 0.23
CA ALA A 565 2.87 -16.29 1.43
C ALA A 565 1.40 -16.65 1.24
N VAL A 566 0.62 -16.55 2.30
CA VAL A 566 -0.79 -16.89 2.27
C VAL A 566 -1.57 -15.77 2.96
N TYR A 567 -2.09 -14.83 2.17
CA TYR A 567 -2.64 -13.61 2.76
C TYR A 567 -4.04 -13.80 3.34
N SER A 568 -4.74 -14.88 2.99
CA SER A 568 -6.05 -15.14 3.54
C SER A 568 -6.49 -16.53 3.12
N MET A 569 -7.54 -17.02 3.78
CA MET A 569 -8.11 -18.32 3.49
C MET A 569 -9.58 -18.29 3.89
N VAL A 570 -10.41 -19.04 3.18
CA VAL A 570 -11.85 -19.02 3.40
C VAL A 570 -12.43 -20.41 3.21
N GLU A 571 -13.55 -20.66 3.89
CA GLU A 571 -14.34 -21.86 3.66
C GLU A 571 -15.27 -21.62 2.48
N PHE A 572 -15.19 -22.49 1.47
CA PHE A 572 -15.92 -22.30 0.21
C PHE A 572 -16.67 -23.58 -0.11
N ASN A 573 -17.94 -23.65 0.30
CA ASN A 573 -18.82 -24.77 -0.02
C ASN A 573 -18.12 -26.11 0.22
N GLY A 574 -17.35 -26.17 1.32
CA GLY A 574 -16.63 -27.37 1.67
C GLY A 574 -15.21 -27.43 1.19
N LYS A 575 -14.79 -26.53 0.31
CA LYS A 575 -13.42 -26.49 -0.18
C LYS A 575 -12.69 -25.29 0.38
N LEU A 576 -11.36 -25.42 0.48
CA LEU A 576 -10.51 -24.39 1.07
C LEU A 576 -9.99 -23.47 -0.01
N LEU A 577 -10.38 -22.20 0.05
CA LEU A 577 -9.96 -21.19 -0.92
C LEU A 577 -8.86 -20.33 -0.30
N ALA A 578 -7.71 -20.26 -0.96
CA ALA A 578 -6.56 -19.53 -0.46
C ALA A 578 -6.00 -18.63 -1.56
N SER A 579 -5.19 -17.66 -1.16
CA SER A 579 -4.45 -16.82 -2.10
C SER A 579 -2.98 -16.87 -1.75
N ILE A 580 -2.15 -17.33 -2.68
CA ILE A 580 -0.72 -17.49 -2.47
C ILE A 580 -0.02 -16.48 -3.37
N ASN A 581 0.50 -15.41 -2.78
CA ASN A 581 1.10 -14.31 -3.55
C ASN A 581 -0.01 -13.79 -4.48
N SER A 582 0.23 -13.67 -5.78
CA SER A 582 -0.75 -13.11 -6.70
C SER A 582 -1.84 -14.11 -7.09
N THR A 583 -1.63 -15.40 -6.88
CA THR A 583 -2.58 -16.41 -7.34
C THR A 583 -3.67 -16.65 -6.31
N VAL A 584 -4.89 -16.88 -6.80
CA VAL A 584 -6.02 -17.30 -5.99
C VAL A 584 -6.29 -18.76 -6.29
N ARG A 585 -6.26 -19.60 -5.27
CA ARG A 585 -6.20 -21.04 -5.45
C ARG A 585 -7.35 -21.71 -4.68
N LEU A 586 -7.72 -22.90 -5.15
CA LEU A 586 -8.82 -23.65 -4.55
C LEU A 586 -8.34 -25.06 -4.25
N TYR A 587 -8.58 -25.52 -3.02
CA TYR A 587 -8.11 -26.81 -2.56
C TYR A 587 -9.28 -27.70 -2.18
N GLU A 588 -9.12 -29.01 -2.41
CA GLU A 588 -10.14 -29.99 -2.07
C GLU A 588 -9.57 -30.95 -1.03
N TRP A 589 -10.46 -31.42 -0.16
CA TRP A 589 -10.07 -32.23 1.00
C TRP A 589 -10.36 -33.69 0.68
N THR A 590 -9.32 -34.44 0.35
CA THR A 590 -9.49 -35.84 0.02
C THR A 590 -9.94 -36.63 1.24
N THR A 591 -10.24 -37.91 1.02
CA THR A 591 -10.51 -38.82 2.13
C THR A 591 -9.25 -39.35 2.78
N GLU A 592 -8.07 -39.03 2.22
CA GLU A 592 -6.79 -39.40 2.83
C GLU A 592 -6.22 -38.28 3.70
N LYS A 593 -7.02 -37.26 4.01
CA LYS A 593 -6.60 -36.15 4.86
C LYS A 593 -5.43 -35.38 4.22
N GLU A 594 -5.66 -34.92 3.00
CA GLU A 594 -4.71 -34.06 2.33
C GLU A 594 -5.44 -33.07 1.43
N LEU A 595 -4.78 -31.95 1.15
CA LEU A 595 -5.32 -30.90 0.30
C LEU A 595 -4.79 -31.09 -1.12
N ARG A 596 -5.69 -31.06 -2.09
CA ARG A 596 -5.33 -31.28 -3.49
C ARG A 596 -5.79 -30.09 -4.33
N THR A 597 -4.99 -29.74 -5.34
CA THR A 597 -5.29 -28.57 -6.15
C THR A 597 -6.45 -28.86 -7.09
N GLU A 598 -7.33 -27.89 -7.24
CA GLU A 598 -8.47 -28.00 -8.15
C GLU A 598 -8.30 -27.10 -9.37
N CYS A 599 -8.12 -25.80 -9.16
CA CYS A 599 -8.00 -24.85 -10.25
C CYS A 599 -7.30 -23.60 -9.73
N ASN A 600 -6.78 -22.80 -10.66
CA ASN A 600 -5.92 -21.67 -10.30
C ASN A 600 -6.43 -20.34 -10.86
N HIS A 601 -5.62 -19.30 -10.71
CA HIS A 601 -5.92 -17.96 -11.20
C HIS A 601 -4.67 -17.12 -11.02
N TYR A 602 -4.41 -16.20 -11.96
CA TYR A 602 -3.13 -15.51 -11.97
C TYR A 602 -3.23 -14.03 -12.32
N ASN A 603 -4.42 -13.47 -12.44
CA ASN A 603 -4.58 -12.10 -12.94
C ASN A 603 -4.73 -11.12 -11.77
N ASN A 604 -3.63 -10.97 -11.03
CA ASN A 604 -3.59 -10.00 -9.93
C ASN A 604 -2.15 -9.62 -9.64
N ILE A 605 -1.99 -8.46 -9.00
CA ILE A 605 -0.67 -8.02 -8.57
C ILE A 605 -0.30 -8.69 -7.26
N MET A 606 -1.15 -8.55 -6.25
CA MET A 606 -0.97 -9.25 -4.98
C MET A 606 -2.33 -9.31 -4.32
N ALA A 607 -2.88 -10.52 -4.19
CA ALA A 607 -4.23 -10.71 -3.68
C ALA A 607 -4.16 -10.88 -2.16
N LEU A 608 -4.71 -9.92 -1.43
CA LEU A 608 -4.61 -9.90 0.02
C LEU A 608 -5.88 -10.39 0.70
N TYR A 609 -7.05 -9.96 0.24
CA TYR A 609 -8.30 -10.20 0.94
C TYR A 609 -9.21 -11.08 0.10
N LEU A 610 -10.12 -11.78 0.78
CA LEU A 610 -11.05 -12.67 0.10
C LEU A 610 -12.37 -12.67 0.85
N LYS A 611 -13.44 -12.95 0.13
CA LYS A 611 -14.77 -13.11 0.72
C LYS A 611 -15.57 -14.00 -0.21
N THR A 612 -16.66 -14.56 0.30
CA THR A 612 -17.45 -15.50 -0.48
C THR A 612 -18.92 -15.38 -0.14
N LYS A 613 -19.76 -15.71 -1.12
CA LYS A 613 -21.20 -15.84 -0.89
C LYS A 613 -21.74 -16.73 -1.99
N GLY A 614 -22.09 -17.97 -1.64
CA GLY A 614 -22.58 -18.90 -2.63
C GLY A 614 -21.44 -19.40 -3.49
N ASP A 615 -21.39 -18.95 -4.74
CA ASP A 615 -20.33 -19.31 -5.67
C ASP A 615 -19.32 -18.19 -5.88
N PHE A 616 -19.75 -16.94 -5.77
CA PHE A 616 -18.90 -15.82 -6.15
C PHE A 616 -17.74 -15.65 -5.17
N ILE A 617 -16.68 -15.03 -5.66
CA ILE A 617 -15.50 -14.69 -4.86
C ILE A 617 -15.13 -13.24 -5.16
N LEU A 618 -14.86 -12.47 -4.12
CA LEU A 618 -14.58 -11.04 -4.23
C LEU A 618 -13.13 -10.79 -3.82
N VAL A 619 -12.21 -10.92 -4.75
CA VAL A 619 -10.78 -10.80 -4.45
C VAL A 619 -10.40 -9.33 -4.44
N GLY A 620 -9.81 -8.88 -3.33
CA GLY A 620 -9.28 -7.53 -3.23
C GLY A 620 -7.77 -7.55 -3.36
N ASP A 621 -7.24 -6.72 -4.24
CA ASP A 621 -5.83 -6.69 -4.54
C ASP A 621 -5.16 -5.51 -3.84
N LEU A 622 -3.83 -5.49 -3.89
CA LEU A 622 -3.07 -4.42 -3.27
C LEU A 622 -3.43 -3.07 -3.86
N MET A 623 -3.46 -2.96 -5.20
CA MET A 623 -3.65 -1.68 -5.86
C MET A 623 -4.71 -1.69 -6.95
N ARG A 624 -5.24 -2.84 -7.34
CA ARG A 624 -6.22 -2.95 -8.42
C ARG A 624 -7.63 -3.12 -7.88
N SER A 625 -7.87 -2.62 -6.67
CA SER A 625 -9.17 -2.55 -6.00
C SER A 625 -9.82 -3.94 -5.94
N VAL A 626 -11.09 -4.08 -6.32
CA VAL A 626 -11.85 -5.30 -6.11
C VAL A 626 -12.06 -6.07 -7.41
N LEU A 627 -11.70 -7.34 -7.41
CA LEU A 627 -11.92 -8.24 -8.53
C LEU A 627 -13.03 -9.22 -8.14
N LEU A 628 -13.88 -9.57 -9.09
CA LEU A 628 -15.02 -10.44 -8.83
C LEU A 628 -14.93 -11.69 -9.70
N LEU A 629 -15.10 -12.85 -9.08
CA LEU A 629 -15.07 -14.13 -9.77
C LEU A 629 -16.40 -14.86 -9.56
N ALA A 630 -16.58 -15.95 -10.32
CA ALA A 630 -17.71 -16.84 -10.14
C ALA A 630 -17.25 -18.26 -10.43
N TYR A 631 -17.38 -19.13 -9.43
CA TYR A 631 -16.96 -20.52 -9.59
C TYR A 631 -18.01 -21.28 -10.40
N LYS A 632 -17.56 -22.01 -11.42
CA LYS A 632 -18.45 -22.75 -12.30
C LYS A 632 -18.40 -24.23 -11.93
N PRO A 633 -19.46 -24.79 -11.33
CA PRO A 633 -19.37 -26.18 -10.86
C PRO A 633 -19.24 -27.19 -11.98
N MET A 634 -19.92 -26.98 -13.11
CA MET A 634 -19.98 -27.97 -14.17
C MET A 634 -18.80 -27.90 -15.12
N GLU A 635 -17.85 -27.01 -14.87
CA GLU A 635 -16.65 -26.90 -15.70
C GLU A 635 -15.37 -26.98 -14.88
N GLY A 636 -15.37 -26.41 -13.67
CA GLY A 636 -14.21 -26.47 -12.80
C GLY A 636 -13.16 -25.41 -13.10
N ASN A 637 -13.54 -24.14 -13.02
CA ASN A 637 -12.61 -23.04 -13.21
C ASN A 637 -13.30 -21.73 -12.86
N PHE A 638 -12.50 -20.70 -12.63
CA PHE A 638 -13.03 -19.38 -12.29
C PHE A 638 -13.29 -18.60 -13.57
N GLU A 639 -14.42 -17.90 -13.60
CA GLU A 639 -14.79 -17.03 -14.72
C GLU A 639 -14.66 -15.60 -14.24
N GLU A 640 -13.71 -14.87 -14.82
CA GLU A 640 -13.38 -13.51 -14.40
C GLU A 640 -14.44 -12.55 -14.96
N ILE A 641 -15.57 -12.49 -14.26
CA ILE A 641 -16.74 -11.83 -14.84
C ILE A 641 -16.67 -10.32 -14.81
N ALA A 642 -15.77 -9.72 -14.04
CA ALA A 642 -15.72 -8.27 -13.93
C ALA A 642 -14.44 -7.84 -13.23
N ARG A 643 -14.28 -6.52 -13.10
CA ARG A 643 -13.19 -5.91 -12.36
C ARG A 643 -13.57 -4.46 -12.07
N ASP A 644 -12.81 -3.85 -11.17
CA ASP A 644 -12.81 -2.40 -11.01
C ASP A 644 -11.42 -1.89 -11.35
N PHE A 645 -11.36 -0.92 -12.27
CA PHE A 645 -10.08 -0.50 -12.83
C PHE A 645 -9.47 0.70 -12.11
N ASN A 646 -10.27 1.51 -11.44
CA ASN A 646 -9.73 2.67 -10.76
C ASN A 646 -8.67 2.23 -9.76
N PRO A 647 -7.52 2.89 -9.70
CA PRO A 647 -6.48 2.48 -8.75
C PRO A 647 -6.80 2.98 -7.34
N ASN A 648 -6.91 2.05 -6.40
CA ASN A 648 -7.09 2.34 -4.99
C ASN A 648 -6.12 1.49 -4.19
N TRP A 649 -5.96 1.81 -2.92
CA TRP A 649 -5.12 1.02 -2.01
C TRP A 649 -6.04 0.42 -0.95
N MET A 650 -6.59 -0.75 -1.25
CA MET A 650 -7.62 -1.36 -0.43
C MET A 650 -7.07 -1.78 0.93
N SER A 651 -7.96 -1.86 1.90
CA SER A 651 -7.65 -2.37 3.23
C SER A 651 -8.56 -3.52 3.65
N ALA A 652 -9.85 -3.46 3.33
CA ALA A 652 -10.77 -4.54 3.64
C ALA A 652 -11.95 -4.47 2.69
N VAL A 653 -12.49 -5.64 2.35
CA VAL A 653 -13.55 -5.76 1.36
C VAL A 653 -14.61 -6.74 1.87
N GLU A 654 -15.85 -6.48 1.51
CA GLU A 654 -16.98 -7.27 2.00
C GLU A 654 -18.12 -7.19 1.00
N ILE A 655 -19.06 -8.13 1.13
CA ILE A 655 -20.19 -8.26 0.23
C ILE A 655 -21.46 -7.94 1.00
N LEU A 656 -22.30 -7.08 0.42
CA LEU A 656 -23.59 -6.76 1.00
C LEU A 656 -24.70 -7.64 0.45
N ASP A 657 -24.61 -8.04 -0.80
CA ASP A 657 -25.61 -8.89 -1.44
C ASP A 657 -24.98 -9.51 -2.68
N ASP A 658 -25.80 -10.14 -3.52
CA ASP A 658 -25.27 -10.80 -4.71
C ASP A 658 -24.54 -9.84 -5.63
N ASP A 659 -24.89 -8.55 -5.61
CA ASP A 659 -24.41 -7.62 -6.62
C ASP A 659 -23.87 -6.30 -6.10
N ASN A 660 -23.79 -6.11 -4.79
CA ASN A 660 -23.23 -4.89 -4.22
C ASN A 660 -22.02 -5.23 -3.36
N PHE A 661 -20.90 -4.57 -3.63
CA PHE A 661 -19.65 -4.83 -2.94
C PHE A 661 -19.17 -3.54 -2.25
N LEU A 662 -18.66 -3.70 -1.04
CA LEU A 662 -18.19 -2.57 -0.23
C LEU A 662 -16.70 -2.72 0.00
N GLY A 663 -15.98 -1.60 -0.02
CA GLY A 663 -14.54 -1.63 0.19
C GLY A 663 -14.06 -0.31 0.75
N ALA A 664 -12.96 -0.36 1.49
CA ALA A 664 -12.39 0.80 2.15
C ALA A 664 -10.89 0.85 1.91
N GLU A 665 -10.36 2.07 1.85
CA GLU A 665 -8.95 2.28 1.54
C GLU A 665 -8.35 3.28 2.51
N ASN A 666 -7.01 3.23 2.62
CA ASN A 666 -6.31 4.03 3.61
C ASN A 666 -6.61 5.51 3.51
N ALA A 667 -7.19 5.97 2.40
CA ALA A 667 -7.55 7.37 2.27
C ALA A 667 -8.70 7.77 3.19
N PHE A 668 -9.17 6.87 4.06
CA PHE A 668 -10.28 7.13 4.97
C PHE A 668 -11.58 7.38 4.22
N ASN A 669 -11.88 6.52 3.24
CA ASN A 669 -13.13 6.62 2.49
C ASN A 669 -13.73 5.23 2.32
N LEU A 670 -14.98 5.21 1.87
CA LEU A 670 -15.69 4.00 1.51
C LEU A 670 -16.24 4.16 0.11
N PHE A 671 -16.26 3.07 -0.66
CA PHE A 671 -16.83 3.11 -1.99
C PHE A 671 -17.47 1.78 -2.31
N VAL A 672 -18.62 1.84 -2.99
CA VAL A 672 -19.45 0.70 -3.30
C VAL A 672 -19.30 0.36 -4.78
N CYS A 673 -18.86 -0.85 -5.07
CA CYS A 673 -18.71 -1.33 -6.44
C CYS A 673 -19.90 -2.19 -6.82
N GLN A 674 -20.50 -1.90 -7.97
CA GLN A 674 -21.73 -2.54 -8.40
C GLN A 674 -21.55 -3.06 -9.82
N LYS A 675 -21.85 -4.35 -10.03
CA LYS A 675 -21.82 -4.92 -11.36
C LYS A 675 -22.88 -4.25 -12.23
N ASP A 676 -22.43 -3.54 -13.27
CA ASP A 676 -23.35 -2.76 -14.08
C ASP A 676 -24.46 -3.64 -14.64
N SER A 677 -25.69 -3.15 -14.56
CA SER A 677 -26.84 -3.91 -15.03
C SER A 677 -27.11 -3.68 -16.51
N ALA A 678 -26.99 -2.44 -16.97
CA ALA A 678 -27.25 -2.09 -18.36
C ALA A 678 -25.92 -1.86 -19.06
N ALA A 679 -25.67 -2.65 -20.11
CA ALA A 679 -24.44 -2.55 -20.87
C ALA A 679 -24.72 -2.82 -22.34
N THR A 680 -24.09 -2.04 -23.21
CA THR A 680 -24.30 -2.16 -24.65
C THR A 680 -23.26 -3.06 -25.32
N THR A 681 -22.03 -3.07 -24.81
CA THR A 681 -20.94 -3.81 -25.43
C THR A 681 -20.35 -4.80 -24.43
N ASP A 682 -19.47 -5.66 -24.94
CA ASP A 682 -18.77 -6.59 -24.05
C ASP A 682 -17.87 -5.84 -23.09
N GLU A 683 -17.25 -4.75 -23.54
CA GLU A 683 -16.31 -4.04 -22.68
C GLU A 683 -17.03 -3.42 -21.49
N GLU A 684 -18.21 -2.84 -21.73
CA GLU A 684 -18.95 -2.18 -20.67
C GLU A 684 -19.48 -3.16 -19.63
N ARG A 685 -19.43 -4.45 -19.89
CA ARG A 685 -19.77 -5.46 -18.89
C ARG A 685 -18.56 -5.90 -18.08
N GLN A 686 -17.37 -5.38 -18.38
CA GLN A 686 -16.19 -5.66 -17.59
C GLN A 686 -15.99 -4.65 -16.47
N HIS A 687 -16.51 -3.44 -16.63
CA HIS A 687 -16.30 -2.39 -15.66
C HIS A 687 -17.21 -2.60 -14.45
N LEU A 688 -16.62 -2.55 -13.25
CA LEU A 688 -17.40 -2.40 -12.03
C LEU A 688 -17.45 -0.93 -11.65
N GLN A 689 -18.67 -0.36 -11.61
CA GLN A 689 -18.84 1.06 -11.43
C GLN A 689 -18.82 1.43 -9.96
N GLU A 690 -18.12 2.52 -9.62
CA GLU A 690 -18.06 3.02 -8.25
C GLU A 690 -19.27 3.91 -8.01
N VAL A 691 -20.41 3.26 -7.70
CA VAL A 691 -21.67 3.99 -7.64
C VAL A 691 -21.85 4.81 -6.37
N GLY A 692 -20.94 4.71 -5.41
CA GLY A 692 -21.04 5.48 -4.19
C GLY A 692 -19.68 5.85 -3.65
N LEU A 693 -19.63 7.00 -2.97
CA LEU A 693 -18.37 7.47 -2.39
C LEU A 693 -18.67 8.23 -1.11
N PHE A 694 -17.92 7.92 -0.05
CA PHE A 694 -18.14 8.51 1.26
C PHE A 694 -16.81 8.59 1.99
N HIS A 695 -16.57 9.71 2.65
CA HIS A 695 -15.34 9.93 3.44
C HIS A 695 -15.66 9.57 4.88
N LEU A 696 -15.27 8.36 5.28
CA LEU A 696 -15.63 7.89 6.61
C LEU A 696 -14.94 8.69 7.70
N GLY A 697 -13.67 9.06 7.49
CA GLY A 697 -12.89 9.72 8.50
C GLY A 697 -12.13 8.79 9.40
N GLU A 698 -12.05 7.50 9.05
CA GLU A 698 -11.39 6.49 9.88
C GLU A 698 -10.71 5.49 8.96
N PHE A 699 -9.60 4.93 9.43
CA PHE A 699 -8.93 3.85 8.70
C PHE A 699 -9.66 2.55 9.01
N VAL A 700 -10.38 2.02 8.02
CA VAL A 700 -11.09 0.76 8.19
C VAL A 700 -10.09 -0.39 8.13
N ASN A 701 -10.35 -1.44 8.90
CA ASN A 701 -9.38 -2.52 9.06
C ASN A 701 -9.95 -3.91 8.94
N VAL A 702 -11.26 -4.11 9.13
CA VAL A 702 -11.85 -5.44 8.95
C VAL A 702 -13.36 -5.33 8.90
N PHE A 703 -13.99 -6.22 8.12
CA PHE A 703 -15.43 -6.33 8.03
C PHE A 703 -15.89 -7.71 8.49
N CYS A 704 -17.13 -7.77 8.98
CA CYS A 704 -17.72 -9.05 9.38
C CYS A 704 -19.22 -8.89 9.56
N HIS A 705 -19.99 -9.83 9.03
CA HIS A 705 -21.43 -9.81 9.17
C HIS A 705 -21.84 -10.01 10.63
N GLY A 706 -22.95 -9.41 11.00
CA GLY A 706 -23.46 -9.54 12.36
C GLY A 706 -24.26 -8.32 12.76
N SER A 707 -24.73 -8.35 13.99
CA SER A 707 -25.52 -7.25 14.54
C SER A 707 -25.49 -7.35 16.06
N LEU A 708 -25.97 -6.29 16.71
CA LEU A 708 -25.92 -6.17 18.16
C LEU A 708 -27.28 -5.83 18.74
N VAL A 709 -28.33 -6.50 18.27
CA VAL A 709 -29.65 -6.37 18.86
C VAL A 709 -30.40 -7.68 18.66
N MET A 710 -31.35 -7.94 19.56
CA MET A 710 -32.09 -9.19 19.50
C MET A 710 -33.01 -9.22 18.28
N GLN A 711 -33.06 -10.38 17.63
CA GLN A 711 -33.92 -10.57 16.47
C GLN A 711 -34.51 -11.97 16.51
N ASN A 712 -35.64 -12.14 15.82
CA ASN A 712 -36.35 -13.41 15.82
C ASN A 712 -36.95 -13.67 14.44
N THR A 718 -39.21 -2.61 8.70
CA THR A 718 -38.11 -1.75 9.10
C THR A 718 -37.36 -1.24 7.87
N PRO A 719 -37.00 0.05 7.84
CA PRO A 719 -36.31 0.59 6.66
C PRO A 719 -35.05 -0.18 6.31
N THR A 720 -34.13 -0.30 7.27
CA THR A 720 -32.84 -0.88 6.98
C THR A 720 -32.96 -2.37 6.64
N GLN A 721 -31.99 -2.86 5.87
CA GLN A 721 -31.88 -4.27 5.54
C GLN A 721 -30.44 -4.71 5.70
N GLY A 722 -30.23 -5.92 6.20
CA GLY A 722 -28.88 -6.42 6.35
C GLY A 722 -28.11 -5.66 7.41
N SER A 723 -26.83 -5.99 7.51
CA SER A 723 -25.95 -5.33 8.47
C SER A 723 -24.51 -5.78 8.22
N VAL A 724 -23.58 -4.88 8.49
CA VAL A 724 -22.14 -5.20 8.47
C VAL A 724 -21.45 -4.32 9.49
N LEU A 725 -20.58 -4.92 10.29
CA LEU A 725 -19.85 -4.21 11.34
C LEU A 725 -18.37 -4.21 10.99
N PHE A 726 -17.73 -3.05 11.16
CA PHE A 726 -16.34 -2.86 10.77
C PHE A 726 -15.57 -2.17 11.87
N GLY A 727 -14.32 -2.60 12.08
CA GLY A 727 -13.44 -1.97 13.04
C GLY A 727 -12.68 -0.81 12.42
N THR A 728 -11.83 -0.21 13.23
CA THR A 728 -10.99 0.91 12.78
C THR A 728 -9.73 0.94 13.63
N VAL A 729 -8.73 1.68 13.14
CA VAL A 729 -7.50 1.85 13.90
C VAL A 729 -7.74 2.73 15.12
N ASN A 730 -8.53 3.80 14.95
CA ASN A 730 -8.84 4.67 16.07
C ASN A 730 -9.94 4.12 16.97
N GLY A 731 -10.28 2.84 16.85
CA GLY A 731 -11.21 2.19 17.75
C GLY A 731 -12.67 2.33 17.38
N MET A 732 -13.00 3.25 16.48
CA MET A 732 -14.39 3.51 16.13
C MET A 732 -15.01 2.29 15.45
N ILE A 733 -16.06 1.74 16.05
CA ILE A 733 -16.78 0.60 15.50
C ILE A 733 -18.08 1.11 14.90
N GLY A 734 -18.34 0.73 13.64
CA GLY A 734 -19.47 1.27 12.91
C GLY A 734 -20.30 0.18 12.28
N LEU A 735 -21.45 0.59 11.76
CA LEU A 735 -22.45 -0.32 11.21
C LEU A 735 -22.88 0.19 9.83
N VAL A 736 -23.05 -0.73 8.89
CA VAL A 736 -23.46 -0.40 7.53
C VAL A 736 -24.65 -1.28 7.15
N THR A 737 -25.67 -0.67 6.56
CA THR A 737 -26.86 -1.38 6.13
C THR A 737 -27.28 -0.87 4.76
N SER A 738 -28.28 -1.53 4.18
CA SER A 738 -28.83 -1.11 2.90
C SER A 738 -30.12 -0.34 3.10
N LEU A 739 -30.48 0.46 2.10
CA LEU A 739 -31.71 1.23 2.12
C LEU A 739 -32.45 1.07 0.80
N SER A 740 -33.77 1.08 0.88
CA SER A 740 -34.60 1.11 -0.32
C SER A 740 -34.66 2.53 -0.88
N GLU A 741 -34.79 2.61 -2.20
CA GLU A 741 -34.75 3.90 -2.90
C GLU A 741 -35.52 5.01 -2.17
N SER A 742 -36.73 4.71 -1.73
CA SER A 742 -37.55 5.75 -1.11
C SER A 742 -36.90 6.28 0.15
N TRP A 743 -36.37 5.38 0.99
CA TRP A 743 -35.71 5.83 2.22
C TRP A 743 -34.49 6.66 1.90
N TYR A 744 -33.71 6.27 0.90
CA TYR A 744 -32.54 7.06 0.53
C TYR A 744 -32.94 8.46 0.09
N ASN A 745 -33.98 8.58 -0.74
CA ASN A 745 -34.41 9.91 -1.17
C ASN A 745 -34.89 10.75 0.02
N LEU A 746 -35.63 10.13 0.93
CA LEU A 746 -36.13 10.88 2.09
C LEU A 746 -34.98 11.33 2.96
N LEU A 747 -34.04 10.43 3.25
CA LEU A 747 -32.97 10.79 4.16
C LEU A 747 -32.01 11.77 3.50
N LEU A 748 -31.86 11.72 2.17
CA LEU A 748 -31.04 12.72 1.50
C LEU A 748 -31.64 14.11 1.68
N ASP A 749 -32.95 14.23 1.48
CA ASP A 749 -33.57 15.54 1.70
C ASP A 749 -33.48 15.96 3.16
N MET A 750 -33.66 15.01 4.09
CA MET A 750 -33.53 15.33 5.51
C MET A 750 -32.12 15.81 5.83
N GLN A 751 -31.11 15.15 5.27
CA GLN A 751 -29.72 15.54 5.50
C GLN A 751 -29.46 16.94 4.97
N ASN A 752 -29.95 17.24 3.75
CA ASN A 752 -29.75 18.57 3.20
C ASN A 752 -30.43 19.63 4.05
N ARG A 753 -31.60 19.33 4.60
CA ARG A 753 -32.30 20.31 5.41
C ARG A 753 -31.55 20.60 6.72
N LEU A 754 -30.91 19.60 7.30
CA LEU A 754 -30.21 19.80 8.57
C LEU A 754 -29.06 20.78 8.43
N ASN A 755 -28.29 20.68 7.35
CA ASN A 755 -27.10 21.51 7.20
C ASN A 755 -27.42 23.00 7.15
N LYS A 756 -28.67 23.36 6.91
CA LYS A 756 -29.08 24.77 6.94
C LYS A 756 -29.45 25.25 8.35
N VAL A 757 -29.41 24.37 9.35
CA VAL A 757 -29.79 24.71 10.72
C VAL A 757 -28.66 24.40 11.68
N ILE A 758 -28.18 23.15 11.68
CA ILE A 758 -27.11 22.74 12.58
C ILE A 758 -25.93 23.69 12.41
N LYS A 759 -25.55 24.36 13.49
CA LYS A 759 -24.40 25.27 13.48
C LYS A 759 -23.15 24.46 13.77
N SER A 760 -22.57 23.90 12.72
CA SER A 760 -21.38 23.07 12.87
C SER A 760 -20.27 23.85 13.57
N VAL A 761 -19.60 23.19 14.52
CA VAL A 761 -18.53 23.83 15.25
C VAL A 761 -17.33 24.00 14.32
N GLY A 762 -16.79 25.22 14.26
CA GLY A 762 -15.75 25.55 13.33
C GLY A 762 -16.23 25.98 11.96
N LYS A 763 -17.54 26.00 11.73
CA LYS A 763 -18.11 26.45 10.46
C LYS A 763 -17.53 25.69 9.27
N ILE A 764 -17.34 24.39 9.43
CA ILE A 764 -16.88 23.55 8.33
C ILE A 764 -18.10 22.98 7.62
N GLU A 765 -18.22 23.25 6.32
CA GLU A 765 -19.36 22.78 5.56
C GLU A 765 -19.39 21.25 5.54
N HIS A 766 -20.59 20.69 5.73
CA HIS A 766 -20.71 19.24 5.86
C HIS A 766 -20.24 18.54 4.59
N SER A 767 -20.65 19.04 3.42
CA SER A 767 -20.30 18.39 2.18
C SER A 767 -18.80 18.34 1.96
N PHE A 768 -18.07 19.36 2.43
CA PHE A 768 -16.61 19.33 2.31
C PHE A 768 -16.02 18.27 3.23
N TRP A 769 -16.60 18.07 4.41
CA TRP A 769 -16.11 17.05 5.31
C TRP A 769 -16.34 15.66 4.73
N ARG A 770 -17.52 15.42 4.16
CA ARG A 770 -17.88 14.10 3.69
C ARG A 770 -17.56 13.89 2.22
N SER A 771 -16.74 14.75 1.62
CA SER A 771 -16.33 14.56 0.24
C SER A 771 -15.22 13.53 0.13
N PHE A 772 -15.30 12.67 -0.87
CA PHE A 772 -14.21 11.76 -1.17
C PHE A 772 -12.97 12.57 -1.53
N HIS A 773 -11.83 12.18 -0.98
CA HIS A 773 -10.61 12.98 -1.14
C HIS A 773 -9.40 12.08 -1.10
N THR A 774 -8.48 12.30 -2.03
CA THR A 774 -7.26 11.50 -2.12
C THR A 774 -6.16 12.37 -2.72
N GLU A 775 -5.05 11.73 -3.08
CA GLU A 775 -3.98 12.43 -3.78
C GLU A 775 -4.39 12.83 -5.19
N ARG A 776 -5.20 12.00 -5.85
CA ARG A 776 -5.48 12.17 -7.27
C ARG A 776 -6.70 13.05 -7.52
N LYS A 777 -7.86 12.63 -7.03
CA LYS A 777 -9.13 13.23 -7.43
C LYS A 777 -9.99 13.53 -6.21
N THR A 778 -10.98 14.40 -6.42
CA THR A 778 -11.94 14.78 -5.40
C THR A 778 -13.34 14.65 -5.98
N GLU A 779 -14.30 14.24 -5.13
CA GLU A 779 -15.66 14.02 -5.58
C GLU A 779 -16.62 14.29 -4.43
N PRO A 780 -17.80 14.87 -4.72
CA PRO A 780 -18.82 14.97 -3.67
C PRO A 780 -19.41 13.62 -3.33
N ALA A 781 -19.89 13.51 -2.09
CA ALA A 781 -20.41 12.24 -1.60
C ALA A 781 -21.71 11.87 -2.31
N THR A 782 -21.90 10.59 -2.55
CA THR A 782 -23.11 10.10 -3.19
C THR A 782 -23.36 8.66 -2.75
N GLY A 783 -24.60 8.35 -2.39
CA GLY A 783 -25.02 7.00 -2.09
C GLY A 783 -24.97 6.62 -0.63
N PHE A 784 -24.29 7.39 0.22
CA PHE A 784 -24.16 7.08 1.64
C PHE A 784 -24.85 8.16 2.46
N ILE A 785 -25.79 7.74 3.31
CA ILE A 785 -26.43 8.65 4.26
C ILE A 785 -25.55 8.76 5.50
N ASP A 786 -25.31 9.99 5.95
CA ASP A 786 -24.41 10.24 7.08
C ASP A 786 -25.19 9.98 8.37
N GLY A 787 -24.99 8.81 8.96
CA GLY A 787 -25.79 8.43 10.11
C GLY A 787 -25.67 9.38 11.27
N ASP A 788 -24.43 9.74 11.63
CA ASP A 788 -24.22 10.57 12.80
C ASP A 788 -24.92 11.92 12.65
N LEU A 789 -25.10 12.40 11.43
CA LEU A 789 -25.78 13.68 11.23
C LEU A 789 -27.28 13.54 11.48
N ILE A 790 -27.90 12.48 10.97
CA ILE A 790 -29.35 12.35 11.08
C ILE A 790 -29.77 12.25 12.53
N GLU A 791 -29.11 11.39 13.29
CA GLU A 791 -29.48 11.21 14.70
C GLU A 791 -29.44 12.53 15.45
N SER A 792 -28.54 13.44 15.08
CA SER A 792 -28.45 14.71 15.77
C SER A 792 -29.74 15.51 15.69
N PHE A 793 -30.61 15.21 14.72
CA PHE A 793 -31.88 15.89 14.66
C PHE A 793 -32.70 15.67 15.91
N LEU A 794 -32.44 14.60 16.65
CA LEU A 794 -33.17 14.31 17.87
C LEU A 794 -32.87 15.30 18.99
N ASP A 795 -31.84 16.13 18.83
CA ASP A 795 -31.42 17.06 19.88
C ASP A 795 -31.92 18.47 19.67
N ILE A 796 -32.14 18.90 18.43
CA ILE A 796 -32.49 20.29 18.19
C ILE A 796 -33.82 20.61 18.87
N SER A 797 -34.02 21.89 19.13
CA SER A 797 -35.22 22.33 19.82
C SER A 797 -36.44 22.22 18.90
N ARG A 798 -37.62 22.25 19.52
CA ARG A 798 -38.86 22.11 18.75
C ARG A 798 -39.01 23.18 17.67
N PRO A 799 -38.75 24.46 17.92
CA PRO A 799 -38.80 25.43 16.81
C PRO A 799 -37.86 25.06 15.67
N LYS A 800 -36.67 24.57 16.01
CA LYS A 800 -35.73 24.15 14.97
C LYS A 800 -36.25 22.94 14.21
N MET A 801 -36.92 22.01 14.91
CA MET A 801 -37.55 20.89 14.22
C MET A 801 -38.63 21.37 13.26
N GLN A 802 -39.46 22.31 13.71
CA GLN A 802 -40.51 22.84 12.84
C GLN A 802 -39.92 23.51 11.61
N GLU A 803 -38.86 24.29 11.79
CA GLU A 803 -38.22 24.91 10.63
C GLU A 803 -37.59 23.85 9.73
N VAL A 804 -37.05 22.78 10.31
CA VAL A 804 -36.47 21.70 9.51
C VAL A 804 -37.53 21.05 8.65
N VAL A 805 -38.69 20.75 9.24
CA VAL A 805 -39.72 19.97 8.54
C VAL A 805 -40.55 20.82 7.61
N ALA A 806 -40.56 22.14 7.78
CA ALA A 806 -41.43 23.01 7.00
C ALA A 806 -41.34 22.70 5.52
N ASN A 807 -42.48 22.41 4.92
CA ASN A 807 -42.58 22.23 3.47
C ASN A 807 -41.62 21.17 2.98
N ALA A 820 -46.49 17.66 6.56
CA ALA A 820 -45.77 16.77 7.46
C ALA A 820 -45.63 17.40 8.84
N THR A 821 -45.14 16.61 9.79
CA THR A 821 -44.93 17.09 11.15
C THR A 821 -43.73 16.36 11.75
N ALA A 822 -43.24 16.90 12.87
CA ALA A 822 -42.03 16.34 13.48
C ALA A 822 -42.25 14.91 13.94
N ASP A 823 -43.40 14.62 14.56
CA ASP A 823 -43.62 13.29 15.13
C ASP A 823 -43.60 12.22 14.05
N ASP A 824 -44.22 12.47 12.90
CA ASP A 824 -44.16 11.53 11.80
C ASP A 824 -42.74 11.32 11.30
N LEU A 825 -41.83 12.23 11.66
CA LEU A 825 -40.40 12.07 11.37
C LEU A 825 -39.63 11.56 12.58
N ILE A 826 -40.08 11.89 13.79
CA ILE A 826 -39.46 11.33 14.99
C ILE A 826 -39.62 9.82 15.00
N LYS A 827 -40.76 9.32 14.52
CA LYS A 827 -40.92 7.88 14.38
C LYS A 827 -39.88 7.29 13.43
N VAL A 828 -39.63 7.98 12.30
CA VAL A 828 -38.62 7.50 11.36
C VAL A 828 -37.26 7.44 12.03
N VAL A 829 -36.90 8.50 12.75
CA VAL A 829 -35.62 8.49 13.45
C VAL A 829 -35.57 7.36 14.46
N GLU A 830 -36.67 7.13 15.18
CA GLU A 830 -36.72 6.09 16.20
C GLU A 830 -36.48 4.72 15.60
N GLU A 831 -37.20 4.39 14.53
CA GLU A 831 -36.99 3.10 13.88
C GLU A 831 -35.54 2.92 13.46
N LEU A 832 -34.87 4.02 13.10
CA LEU A 832 -33.49 3.95 12.64
C LEU A 832 -32.53 3.72 13.80
N THR A 833 -32.72 4.42 14.91
CA THR A 833 -31.80 4.30 16.04
C THR A 833 -31.84 2.92 16.68
N ARG A 834 -32.93 2.17 16.49
CA ARG A 834 -33.06 0.87 17.14
C ARG A 834 -32.07 -0.16 16.63
N ILE A 835 -31.42 0.10 15.49
CA ILE A 835 -30.48 -0.85 14.93
C ILE A 835 -29.17 -0.90 15.69
N HIS A 836 -28.94 0.03 16.62
CA HIS A 836 -27.77 -0.01 17.49
C HIS A 836 -28.06 0.67 18.82
N ASN B 47 16.34 -23.78 -25.30
CA ASN B 47 15.00 -24.09 -25.80
C ASN B 47 13.96 -23.19 -25.15
N LEU B 48 13.66 -22.08 -25.83
CA LEU B 48 12.68 -21.13 -25.31
C LEU B 48 11.30 -21.78 -25.24
N SER B 49 10.60 -21.56 -24.13
CA SER B 49 9.29 -22.18 -23.95
C SER B 49 8.27 -21.54 -24.89
N PRO B 50 7.18 -22.27 -25.19
CA PRO B 50 6.16 -21.69 -26.08
C PRO B 50 5.59 -20.37 -25.59
N LEU B 51 5.33 -20.25 -24.29
CA LEU B 51 4.77 -19.00 -23.76
C LEU B 51 5.77 -17.86 -23.90
N GLU B 52 7.05 -18.11 -23.62
CA GLU B 52 8.06 -17.08 -23.81
C GLU B 52 8.15 -16.66 -25.27
N SER B 53 8.10 -17.62 -26.20
CA SER B 53 8.16 -17.28 -27.62
C SER B 53 6.98 -16.40 -28.03
N LEU B 54 5.78 -16.74 -27.53
CA LEU B 54 4.62 -15.93 -27.87
C LEU B 54 4.74 -14.53 -27.27
N ALA B 55 5.19 -14.45 -26.02
CA ALA B 55 5.34 -13.13 -25.41
C ALA B 55 6.37 -12.30 -26.18
N TRP B 56 7.45 -12.95 -26.63
CA TRP B 56 8.48 -12.24 -27.39
C TRP B 56 7.91 -11.66 -28.67
N GLN B 57 7.13 -12.47 -29.41
CA GLN B 57 6.52 -11.94 -30.62
C GLN B 57 5.58 -10.80 -30.31
N VAL B 58 4.79 -10.93 -29.23
CA VAL B 58 3.86 -9.87 -28.86
C VAL B 58 4.61 -8.57 -28.60
N LYS B 59 5.67 -8.64 -27.79
CA LYS B 59 6.44 -7.45 -27.46
C LYS B 59 7.04 -6.83 -28.72
N CYS B 60 7.69 -7.64 -29.56
CA CYS B 60 8.36 -7.09 -30.73
C CYS B 60 7.36 -6.41 -31.65
N LEU B 61 6.25 -7.08 -31.96
CA LEU B 61 5.28 -6.48 -32.85
C LEU B 61 4.70 -5.21 -32.23
N LEU B 62 4.40 -5.24 -30.93
CA LEU B 62 3.79 -4.10 -30.27
C LEU B 62 4.73 -2.91 -30.20
N LYS B 63 6.04 -3.15 -30.27
CA LYS B 63 7.00 -2.05 -30.15
C LYS B 63 6.72 -0.95 -31.17
N TYR B 64 6.30 -1.32 -32.38
CA TYR B 64 6.17 -0.37 -33.47
C TYR B 64 4.77 0.23 -33.59
N SER B 65 3.84 -0.14 -32.71
CA SER B 65 2.51 0.43 -32.75
C SER B 65 2.53 1.80 -32.09
N THR B 66 2.13 2.84 -32.83
CA THR B 66 2.12 4.19 -32.27
C THR B 66 1.01 4.39 -31.26
N THR B 67 0.06 3.46 -31.16
CA THR B 67 -1.03 3.55 -30.19
C THR B 67 -0.76 2.76 -28.92
N TRP B 68 0.31 1.97 -28.88
CA TRP B 68 0.65 1.21 -27.69
C TRP B 68 1.32 2.12 -26.69
N LYS B 69 0.82 2.11 -25.45
CA LYS B 69 1.32 2.98 -24.38
C LYS B 69 1.68 2.14 -23.16
N PRO B 70 2.85 1.53 -23.16
CA PRO B 70 3.25 0.70 -22.02
C PRO B 70 3.44 1.54 -20.76
N LEU B 71 3.28 0.88 -19.62
CA LEU B 71 3.46 1.56 -18.35
C LEU B 71 4.92 2.02 -18.21
N ASN B 72 5.10 3.16 -17.56
CA ASN B 72 6.41 3.78 -17.46
C ASN B 72 7.42 2.81 -16.86
N PRO B 73 8.55 2.54 -17.52
CA PRO B 73 9.49 1.53 -16.98
C PRO B 73 10.01 1.86 -15.60
N ASN B 74 9.87 3.09 -15.12
CA ASN B 74 10.31 3.47 -13.78
C ASN B 74 9.21 3.32 -12.73
N SER B 75 8.04 2.83 -13.10
CA SER B 75 6.96 2.67 -12.13
C SER B 75 7.39 1.69 -11.05
N TRP B 76 6.85 1.89 -9.84
CA TRP B 76 7.32 1.13 -8.69
C TRP B 76 7.22 -0.37 -8.90
N LEU B 77 6.25 -0.82 -9.70
CA LEU B 77 6.09 -2.26 -9.92
C LEU B 77 7.39 -2.88 -10.39
N TYR B 78 8.12 -2.18 -11.26
CA TYR B 78 9.35 -2.72 -11.80
C TYR B 78 10.47 -2.77 -10.76
N HIS B 79 10.32 -2.06 -9.65
CA HIS B 79 11.35 -1.99 -8.62
C HIS B 79 11.07 -2.93 -7.45
N ALA B 80 9.82 -3.03 -7.02
CA ALA B 80 9.45 -3.94 -5.93
C ALA B 80 9.47 -5.39 -6.35
N LYS B 81 9.91 -5.69 -7.56
CA LYS B 81 10.04 -7.06 -8.06
C LYS B 81 8.70 -7.78 -8.16
N LEU B 82 7.61 -7.03 -8.32
CA LEU B 82 6.32 -7.66 -8.55
C LEU B 82 6.12 -8.07 -10.01
N LEU B 83 6.92 -7.52 -10.92
CA LEU B 83 6.93 -7.95 -12.32
C LEU B 83 8.38 -8.19 -12.72
N ASP B 84 8.72 -9.43 -13.03
CA ASP B 84 10.10 -9.76 -13.35
C ASP B 84 10.49 -9.07 -14.64
N PRO B 85 11.53 -8.24 -14.65
CA PRO B 85 11.93 -7.55 -15.89
C PRO B 85 12.77 -8.38 -16.83
N SER B 86 13.32 -9.50 -16.37
CA SER B 86 14.24 -10.28 -17.21
C SER B 86 13.47 -11.09 -18.25
N THR B 87 12.61 -11.99 -17.81
CA THR B 87 11.87 -12.83 -18.74
C THR B 87 10.87 -11.99 -19.52
N PRO B 88 10.75 -12.19 -20.84
CA PRO B 88 9.83 -11.35 -21.62
C PRO B 88 8.35 -11.53 -21.27
N VAL B 89 8.00 -12.56 -20.49
CA VAL B 89 6.60 -12.92 -20.33
C VAL B 89 5.79 -11.82 -19.67
N HIS B 90 6.43 -10.84 -19.03
CA HIS B 90 5.69 -9.87 -18.24
C HIS B 90 4.76 -9.00 -19.08
N ILE B 91 5.00 -8.89 -20.39
CA ILE B 91 4.12 -8.10 -21.23
C ILE B 91 2.71 -8.66 -21.19
N LEU B 92 2.58 -9.99 -21.23
CA LEU B 92 1.26 -10.60 -21.09
C LEU B 92 0.65 -10.28 -19.73
N ARG B 93 1.43 -10.41 -18.66
CA ARG B 93 0.90 -10.14 -17.33
C ARG B 93 0.39 -8.70 -17.24
N GLU B 94 1.13 -7.76 -17.82
CA GLU B 94 0.63 -6.40 -17.92
C GLU B 94 -0.70 -6.38 -18.64
N ILE B 95 -0.72 -6.93 -19.86
CA ILE B 95 -1.92 -6.89 -20.69
C ILE B 95 -3.08 -7.56 -19.98
N GLY B 96 -2.78 -8.55 -19.14
CA GLY B 96 -3.83 -9.17 -18.33
C GLY B 96 -4.48 -8.21 -17.38
N LEU B 97 -3.69 -7.34 -16.74
CA LEU B 97 -4.17 -6.44 -15.71
C LEU B 97 -4.57 -5.07 -16.25
N ARG B 98 -4.52 -4.86 -17.56
CA ARG B 98 -4.74 -3.54 -18.14
C ARG B 98 -3.79 -2.50 -17.57
N LEU B 99 -2.54 -2.92 -17.32
CA LEU B 99 -1.51 -1.96 -16.96
C LEU B 99 -0.90 -1.36 -18.20
N SER B 100 -0.88 -2.14 -19.28
CA SER B 100 -0.46 -1.69 -20.60
C SER B 100 -1.67 -1.84 -21.51
N HIS B 101 -1.98 -0.80 -22.27
CA HIS B 101 -3.20 -0.81 -23.06
C HIS B 101 -3.01 -0.06 -24.37
N CYS B 102 -3.96 -0.30 -25.28
CA CYS B 102 -4.01 0.38 -26.57
C CYS B 102 -5.00 1.53 -26.45
N SER B 103 -4.55 2.74 -26.78
CA SER B 103 -5.39 3.92 -26.64
C SER B 103 -6.55 3.91 -27.61
N HIS B 104 -6.38 3.32 -28.79
CA HIS B 104 -7.47 3.29 -29.76
C HIS B 104 -8.66 2.50 -29.24
N CYS B 105 -8.41 1.37 -28.59
CA CYS B 105 -9.50 0.57 -28.04
C CYS B 105 -9.98 1.10 -26.69
N VAL B 106 -9.07 1.60 -25.85
CA VAL B 106 -9.40 2.10 -24.51
C VAL B 106 -8.90 3.53 -24.38
N PRO B 107 -9.68 4.52 -24.82
CA PRO B 107 -9.18 5.91 -24.79
C PRO B 107 -9.12 6.58 -23.42
N LYS B 108 -9.88 6.13 -22.41
CA LYS B 108 -9.98 6.86 -21.15
C LYS B 108 -9.67 5.97 -19.94
N LEU B 109 -8.51 5.32 -19.95
CA LEU B 109 -8.09 4.53 -18.80
C LEU B 109 -7.40 5.41 -17.76
N GLU B 110 -7.82 5.28 -16.50
CA GLU B 110 -7.17 6.01 -15.41
C GLU B 110 -5.71 5.56 -15.24
N PRO B 111 -4.74 6.46 -15.23
CA PRO B 111 -3.34 6.03 -15.14
C PRO B 111 -3.02 5.41 -13.78
N ILE B 112 -2.05 4.51 -13.79
CA ILE B 112 -1.56 3.89 -12.55
C ILE B 112 -0.56 4.83 -11.88
N PRO B 113 -0.69 5.11 -10.59
CA PRO B 113 0.25 6.05 -9.95
C PRO B 113 1.69 5.57 -10.08
N GLU B 114 2.60 6.52 -10.29
CA GLU B 114 4.01 6.16 -10.46
C GLU B 114 4.60 5.56 -9.19
N TRP B 115 4.26 6.11 -8.03
CA TRP B 115 4.87 5.73 -6.77
C TRP B 115 3.78 5.70 -5.70
N PRO B 116 3.84 4.73 -4.77
CA PRO B 116 2.76 4.61 -3.80
C PRO B 116 2.73 5.82 -2.87
N PRO B 117 1.56 6.21 -2.37
CA PRO B 117 1.54 7.22 -1.33
C PRO B 117 2.30 6.75 -0.10
N LEU B 118 3.05 7.66 0.52
CA LEU B 118 3.97 7.25 1.56
C LEU B 118 3.25 6.62 2.76
N ALA B 119 1.94 6.81 2.86
CA ALA B 119 1.21 6.18 3.96
C ALA B 119 1.24 4.67 3.86
N SER B 120 1.32 4.13 2.65
CA SER B 120 1.24 2.69 2.44
C SER B 120 2.61 2.04 2.28
N CYS B 121 3.67 2.83 2.13
CA CYS B 121 5.03 2.30 2.05
C CYS B 121 6.04 3.05 2.90
N GLY B 122 5.78 4.31 3.24
CA GLY B 122 6.65 5.04 4.15
C GLY B 122 7.96 5.49 3.55
N VAL B 123 8.13 5.34 2.25
CA VAL B 123 9.35 5.71 1.54
C VAL B 123 8.99 6.77 0.51
N PRO B 124 9.60 7.96 0.53
CA PRO B 124 9.33 8.94 -0.52
C PRO B 124 10.05 8.55 -1.80
N PRO B 125 9.68 9.14 -2.93
CA PRO B 125 10.26 8.72 -4.21
C PRO B 125 11.78 8.75 -4.25
N PHE B 126 12.39 7.56 -4.32
CA PHE B 126 13.83 7.42 -4.53
C PHE B 126 14.63 8.20 -3.51
N GLN B 127 14.16 8.22 -2.26
CA GLN B 127 14.87 8.91 -1.19
C GLN B 127 14.68 8.12 0.11
N LYS B 128 15.75 8.07 0.90
CA LYS B 128 15.66 7.38 2.18
C LYS B 128 14.68 8.12 3.08
N PRO B 129 13.91 7.42 3.90
CA PRO B 129 12.90 8.09 4.71
C PRO B 129 13.53 8.99 5.76
N LEU B 130 12.82 10.08 6.07
CA LEU B 130 13.25 10.96 7.15
C LEU B 130 12.98 10.34 8.50
N THR B 131 11.81 9.74 8.68
CA THR B 131 11.43 9.19 9.96
C THR B 131 12.30 7.99 10.32
N SER B 132 12.59 7.84 11.61
CA SER B 132 13.45 6.76 12.06
C SER B 132 12.73 5.42 11.93
N PRO B 133 13.49 4.32 11.81
CA PRO B 133 12.83 3.02 11.63
C PRO B 133 11.86 2.66 12.75
N SER B 134 12.18 2.99 14.00
CA SER B 134 11.33 2.58 15.11
C SER B 134 9.94 3.20 15.00
N ARG B 135 9.86 4.48 14.66
CA ARG B 135 8.56 5.13 14.51
C ARG B 135 7.78 4.53 13.35
N LEU B 136 8.46 4.20 12.25
CA LEU B 136 7.78 3.49 11.17
C LEU B 136 7.19 2.18 11.66
N SER B 137 7.99 1.40 12.38
CA SER B 137 7.50 0.12 12.88
C SER B 137 6.29 0.31 13.78
N ARG B 138 6.33 1.34 14.63
CA ARG B 138 5.18 1.60 15.50
C ARG B 138 3.96 2.04 14.69
N ASP B 139 4.18 2.68 13.54
CA ASP B 139 3.05 3.11 12.72
C ASP B 139 2.41 1.94 11.98
N HIS B 140 3.20 0.95 11.57
CA HIS B 140 2.70 -0.17 10.80
C HIS B 140 1.92 -1.16 11.66
N ALA B 141 2.07 -1.10 12.99
CA ALA B 141 1.37 -2.02 13.87
C ALA B 141 -0.12 -1.76 13.92
N THR B 142 -0.60 -0.65 13.37
CA THR B 142 -2.02 -0.35 13.38
C THR B 142 -2.77 -1.01 12.23
N LEU B 143 -2.10 -1.35 11.15
CA LEU B 143 -2.75 -2.00 10.02
C LEU B 143 -3.09 -3.45 10.38
N ASN B 144 -3.97 -4.05 9.59
CA ASN B 144 -4.37 -5.42 9.85
C ASN B 144 -3.21 -6.38 9.58
N GLY B 145 -3.47 -7.67 9.79
CA GLY B 145 -2.41 -8.66 9.70
C GLY B 145 -1.78 -8.80 8.33
N ALA B 146 -2.58 -8.64 7.27
CA ALA B 146 -2.10 -8.87 5.91
C ALA B 146 -1.49 -7.61 5.31
N LEU B 147 -2.23 -6.50 5.34
CA LEU B 147 -1.68 -5.25 4.83
C LEU B 147 -0.41 -4.88 5.58
N GLN B 148 -0.29 -5.29 6.85
CA GLN B 148 0.93 -5.02 7.59
C GLN B 148 2.13 -5.71 6.94
N PHE B 149 1.99 -7.00 6.62
CA PHE B 149 3.07 -7.71 5.98
C PHE B 149 3.37 -7.13 4.60
N ALA B 150 2.32 -6.79 3.84
CA ALA B 150 2.54 -6.22 2.52
C ALA B 150 3.30 -4.90 2.60
N THR B 151 2.89 -4.03 3.52
CA THR B 151 3.57 -2.74 3.69
C THR B 151 5.00 -2.94 4.15
N LYS B 152 5.23 -3.89 5.06
CA LYS B 152 6.61 -4.13 5.50
C LYS B 152 7.47 -4.58 4.34
N GLN B 153 6.94 -5.48 3.50
CA GLN B 153 7.68 -5.92 2.32
C GLN B 153 8.02 -4.73 1.42
N LEU B 154 7.00 -3.93 1.09
CA LEU B 154 7.23 -2.82 0.17
C LEU B 154 8.24 -1.83 0.74
N SER B 155 8.14 -1.52 2.03
CA SER B 155 9.08 -0.57 2.62
C SER B 155 10.49 -1.14 2.69
N ARG B 156 10.62 -2.45 2.92
CA ARG B 156 11.94 -3.06 2.93
C ARG B 156 12.55 -3.10 1.54
N THR B 157 11.72 -3.12 0.49
CA THR B 157 12.25 -3.21 -0.87
C THR B 157 12.50 -1.85 -1.51
N LEU B 158 11.47 -1.01 -1.60
CA LEU B 158 11.59 0.22 -2.38
C LEU B 158 12.72 1.12 -1.88
N SER B 159 12.99 1.11 -0.57
CA SER B 159 13.92 2.09 -0.01
C SER B 159 15.32 1.97 -0.59
N ARG B 160 15.66 0.84 -1.21
CA ARG B 160 16.95 0.66 -1.85
C ARG B 160 16.86 0.73 -3.38
N ALA B 161 15.83 1.38 -3.91
CA ALA B 161 15.66 1.46 -5.35
C ALA B 161 16.56 2.54 -5.94
N THR B 162 16.79 2.45 -7.25
CA THR B 162 17.57 3.42 -7.99
C THR B 162 16.89 3.70 -9.32
N PRO B 163 16.54 4.95 -9.63
CA PRO B 163 15.80 5.21 -10.87
C PRO B 163 16.62 4.81 -12.08
N ILE B 164 15.98 4.14 -13.03
CA ILE B 164 16.65 3.70 -14.25
C ILE B 164 16.55 4.80 -15.30
N PRO B 165 17.66 5.28 -15.87
CA PRO B 165 17.56 6.37 -16.84
C PRO B 165 16.88 5.93 -18.12
N GLU B 166 15.70 6.47 -18.38
CA GLU B 166 14.92 6.09 -19.56
C GLU B 166 15.71 6.23 -20.85
N GLY B 178 -2.07 1.86 -37.15
CA GLY B 178 -3.41 1.62 -36.65
C GLY B 178 -3.42 0.87 -35.32
N CYS B 179 -4.30 -0.11 -35.21
CA CYS B 179 -4.36 -0.99 -34.06
C CYS B 179 -4.00 -2.41 -34.48
N CYS B 180 -3.06 -3.02 -33.78
CA CYS B 180 -2.59 -4.37 -34.08
C CYS B 180 -3.26 -5.44 -33.22
N CYS B 181 -4.29 -5.09 -32.44
CA CYS B 181 -4.81 -6.03 -31.47
C CYS B 181 -5.33 -7.30 -32.15
N GLY B 182 -6.04 -7.14 -33.27
CA GLY B 182 -6.66 -8.29 -33.91
C GLY B 182 -5.69 -9.42 -34.17
N TRP B 183 -4.56 -9.10 -34.82
CA TRP B 183 -3.59 -10.14 -35.16
C TRP B 183 -2.98 -10.75 -33.91
N LEU B 184 -2.74 -9.94 -32.88
CA LEU B 184 -2.21 -10.46 -31.63
C LEU B 184 -3.17 -11.49 -31.04
N THR B 185 -4.45 -11.15 -30.99
CA THR B 185 -5.45 -12.06 -30.44
C THR B 185 -5.54 -13.33 -31.27
N LYS B 186 -5.42 -13.21 -32.58
CA LYS B 186 -5.44 -14.40 -33.43
C LYS B 186 -4.23 -15.28 -33.16
N THR B 187 -3.04 -14.68 -33.01
CA THR B 187 -1.86 -15.48 -32.71
C THR B 187 -2.02 -16.20 -31.38
N VAL B 188 -2.54 -15.50 -30.37
CA VAL B 188 -2.69 -16.12 -29.05
C VAL B 188 -3.67 -17.29 -29.13
N LYS B 189 -4.83 -17.07 -29.75
CA LYS B 189 -5.81 -18.13 -29.77
C LYS B 189 -5.34 -19.30 -30.62
N GLU B 190 -4.67 -19.02 -31.75
CA GLU B 190 -4.12 -20.08 -32.57
C GLU B 190 -3.00 -20.82 -31.87
N THR B 191 -2.48 -20.27 -30.77
CA THR B 191 -1.49 -20.98 -29.96
C THR B 191 -2.16 -21.80 -28.86
N THR B 192 -3.24 -21.27 -28.26
CA THR B 192 -3.95 -22.02 -27.23
C THR B 192 -4.84 -23.11 -27.83
N ARG B 193 -5.45 -22.83 -28.98
CA ARG B 193 -6.29 -23.82 -29.64
C ARG B 193 -5.53 -24.53 -30.75
N THR B 199 -13.90 -12.89 -37.10
CA THR B 199 -12.46 -12.72 -37.19
C THR B 199 -12.05 -11.29 -36.91
N THR B 200 -13.01 -10.47 -36.47
CA THR B 200 -12.75 -9.11 -36.02
C THR B 200 -12.80 -9.07 -34.51
N TYR B 201 -11.75 -8.55 -33.89
CA TYR B 201 -11.62 -8.52 -32.44
C TYR B 201 -11.24 -7.11 -31.99
N SER B 202 -11.14 -6.94 -30.68
CA SER B 202 -10.74 -5.68 -30.08
C SER B 202 -9.90 -5.99 -28.85
N TYR B 203 -9.64 -4.95 -28.04
CA TYR B 203 -8.79 -5.13 -26.87
C TYR B 203 -9.38 -6.14 -25.90
N THR B 204 -10.69 -6.05 -25.64
CA THR B 204 -11.35 -6.93 -24.70
C THR B 204 -11.04 -8.39 -25.02
N ASP B 205 -11.18 -8.77 -26.28
CA ASP B 205 -10.93 -10.14 -26.70
C ASP B 205 -9.45 -10.47 -26.74
N PHE B 206 -8.57 -9.48 -26.59
CA PHE B 206 -7.15 -9.77 -26.40
C PHE B 206 -6.86 -10.10 -24.94
N GLN B 207 -7.36 -9.28 -24.01
CA GLN B 207 -7.11 -9.56 -22.61
C GLN B 207 -7.82 -10.84 -22.18
N LYS B 208 -9.02 -11.08 -22.69
CA LYS B 208 -9.75 -12.29 -22.33
C LYS B 208 -9.03 -13.55 -22.81
N ALA B 209 -8.31 -13.46 -23.93
CA ALA B 209 -7.55 -14.61 -24.40
C ALA B 209 -6.25 -14.77 -23.61
N VAL B 210 -5.57 -13.66 -23.31
CA VAL B 210 -4.34 -13.76 -22.53
C VAL B 210 -4.63 -14.29 -21.15
N ASN B 211 -5.78 -13.94 -20.58
CA ASN B 211 -6.15 -14.47 -19.26
C ASN B 211 -6.18 -15.99 -19.27
N LYS B 212 -6.88 -16.58 -20.25
CA LYS B 212 -6.94 -18.03 -20.32
C LYS B 212 -5.57 -18.64 -20.60
N LEU B 213 -4.80 -18.01 -21.48
CA LEU B 213 -3.47 -18.55 -21.78
C LEU B 213 -2.62 -18.61 -20.52
N LEU B 214 -2.62 -17.52 -19.74
CA LEU B 214 -1.88 -17.53 -18.48
C LEU B 214 -2.42 -18.57 -17.53
N THR B 215 -3.76 -18.64 -17.38
CA THR B 215 -4.36 -19.57 -16.45
C THR B 215 -3.95 -21.00 -16.76
N ALA B 216 -3.87 -21.36 -18.04
CA ALA B 216 -3.56 -22.72 -18.44
C ALA B 216 -2.07 -22.96 -18.70
N SER B 217 -1.21 -21.93 -18.60
CA SER B 217 0.19 -22.08 -18.94
C SER B 217 1.11 -22.01 -17.73
N LEU B 218 1.07 -20.92 -16.97
CA LEU B 218 2.01 -20.75 -15.86
C LEU B 218 1.94 -21.93 -14.89
N THR C 20 41.51 -29.82 -30.80
CA THR C 20 41.58 -30.57 -29.56
C THR C 20 40.18 -30.98 -29.11
N ASN C 21 40.08 -31.47 -27.87
CA ASN C 21 38.79 -31.96 -27.38
C ASN C 21 37.83 -30.80 -27.10
N GLN C 22 38.32 -29.72 -26.49
CA GLN C 22 37.44 -28.59 -26.18
C GLN C 22 36.93 -27.92 -27.45
N LEU C 23 37.80 -27.78 -28.46
CA LEU C 23 37.35 -27.23 -29.73
C LEU C 23 36.26 -28.08 -30.35
N GLN C 24 36.43 -29.40 -30.32
CA GLN C 24 35.40 -30.29 -30.85
C GLN C 24 34.10 -30.15 -30.07
N TYR C 25 34.19 -30.05 -28.74
CA TYR C 25 33.00 -29.89 -27.93
C TYR C 25 32.26 -28.60 -28.29
N LEU C 26 33.01 -27.50 -28.43
CA LEU C 26 32.37 -26.24 -28.80
C LEU C 26 31.73 -26.34 -30.18
N LEU C 27 32.43 -26.97 -31.13
CA LEU C 27 31.92 -27.06 -32.49
C LEU C 27 30.65 -27.90 -32.56
N ARG C 28 30.60 -29.01 -31.83
CA ARG C 28 29.54 -29.99 -32.01
C ARG C 28 28.44 -29.90 -30.97
N VAL C 29 28.60 -29.12 -29.90
CA VAL C 29 27.57 -29.03 -28.88
C VAL C 29 27.14 -27.57 -28.70
N VAL C 30 28.07 -26.71 -28.29
CA VAL C 30 27.73 -25.32 -28.01
C VAL C 30 27.35 -24.61 -29.30
N LEU C 31 28.16 -24.78 -30.34
CA LEU C 31 27.88 -24.12 -31.61
C LEU C 31 26.55 -24.59 -32.19
N LYS C 32 26.32 -25.90 -32.18
CA LYS C 32 25.06 -26.42 -32.70
C LYS C 32 23.88 -25.92 -31.88
N THR C 33 24.03 -25.86 -30.56
CA THR C 33 22.93 -25.37 -29.72
C THR C 33 22.62 -23.91 -30.01
N LEU C 34 23.64 -23.07 -30.10
CA LEU C 34 23.41 -21.65 -30.28
C LEU C 34 23.05 -21.30 -31.72
N TRP C 35 23.32 -22.19 -32.68
CA TRP C 35 23.00 -21.92 -34.07
C TRP C 35 21.51 -22.05 -34.35
N LYS C 36 20.76 -22.73 -33.50
CA LYS C 36 19.36 -23.04 -33.72
C LYS C 36 18.42 -22.27 -32.80
N HIS C 37 18.94 -21.62 -31.77
CA HIS C 37 18.10 -20.94 -30.80
C HIS C 37 17.23 -19.91 -31.50
N GLN C 38 16.06 -19.62 -30.91
CA GLN C 38 15.11 -18.72 -31.53
C GLN C 38 15.60 -17.29 -31.58
N PHE C 39 16.70 -16.97 -30.88
CA PHE C 39 17.28 -15.63 -30.91
C PHE C 39 18.59 -15.61 -31.69
N ALA C 40 18.86 -16.63 -32.50
CA ALA C 40 20.16 -16.76 -33.14
C ALA C 40 20.26 -15.93 -34.41
N TRP C 41 19.17 -15.80 -35.17
CA TRP C 41 19.27 -15.31 -36.54
C TRP C 41 19.95 -13.94 -36.65
N PRO C 42 19.67 -12.96 -35.79
CA PRO C 42 20.28 -11.64 -36.01
C PRO C 42 21.80 -11.67 -36.00
N PHE C 43 22.41 -12.58 -35.24
CA PHE C 43 23.86 -12.64 -35.11
C PHE C 43 24.51 -13.62 -36.07
N GLN C 44 23.75 -14.17 -37.02
CA GLN C 44 24.28 -15.21 -37.89
C GLN C 44 25.03 -14.67 -39.11
N GLN C 45 25.29 -13.37 -39.16
CA GLN C 45 25.99 -12.78 -40.29
C GLN C 45 26.68 -11.50 -39.85
N PRO C 46 27.66 -11.03 -40.60
CA PRO C 46 28.33 -9.77 -40.21
C PRO C 46 27.36 -8.61 -40.17
N VAL C 47 27.64 -7.66 -39.30
CA VAL C 47 26.77 -6.49 -39.15
C VAL C 47 26.96 -5.59 -40.35
N ASP C 48 26.05 -5.67 -41.31
CA ASP C 48 26.11 -4.84 -42.51
C ASP C 48 25.62 -3.44 -42.15
N ALA C 49 26.55 -2.62 -41.65
CA ALA C 49 26.17 -1.32 -41.11
C ALA C 49 25.49 -0.45 -42.16
N VAL C 50 25.99 -0.49 -43.39
CA VAL C 50 25.42 0.35 -44.44
C VAL C 50 23.93 0.06 -44.62
N LYS C 51 23.58 -1.22 -44.76
CA LYS C 51 22.16 -1.58 -44.85
C LYS C 51 21.44 -1.32 -43.54
N LEU C 52 22.11 -1.58 -42.41
CA LEU C 52 21.47 -1.48 -41.10
C LEU C 52 21.43 -0.05 -40.58
N ASN C 53 22.04 0.91 -41.28
CA ASN C 53 22.01 2.32 -40.86
C ASN C 53 22.59 2.47 -39.46
N LEU C 54 23.87 2.12 -39.31
CA LEU C 54 24.58 2.19 -38.05
C LEU C 54 25.76 3.14 -38.22
N PRO C 55 25.57 4.44 -38.00
CA PRO C 55 26.64 5.40 -38.32
C PRO C 55 27.86 5.28 -37.41
N ASP C 56 27.65 5.29 -36.11
CA ASP C 56 28.73 5.30 -35.14
C ASP C 56 29.20 3.91 -34.75
N TYR C 57 28.59 2.86 -35.29
CA TYR C 57 28.94 1.51 -34.87
C TYR C 57 30.39 1.19 -35.17
N TYR C 58 30.87 1.57 -36.35
CA TYR C 58 32.20 1.18 -36.78
C TYR C 58 33.30 2.04 -36.17
N LYS C 59 32.95 3.09 -35.41
CA LYS C 59 33.92 3.83 -34.63
C LYS C 59 33.98 3.39 -33.18
N ILE C 60 32.91 2.76 -32.67
CA ILE C 60 32.84 2.42 -31.26
C ILE C 60 33.40 1.02 -30.98
N ILE C 61 33.40 0.14 -31.97
CA ILE C 61 33.94 -1.22 -31.83
C ILE C 61 35.11 -1.36 -32.78
N LYS C 62 36.22 -1.88 -32.27
CA LYS C 62 37.42 -2.11 -33.07
C LYS C 62 37.54 -3.53 -33.59
N THR C 63 36.80 -4.48 -33.04
CA THR C 63 36.87 -5.89 -33.41
C THR C 63 35.46 -6.43 -33.60
N PRO C 64 34.84 -6.20 -34.75
CA PRO C 64 33.55 -6.82 -35.04
C PRO C 64 33.66 -8.35 -35.07
N MET C 65 32.63 -9.02 -34.58
CA MET C 65 32.62 -10.47 -34.52
C MET C 65 31.19 -10.97 -34.67
N ASP C 66 31.05 -12.22 -35.13
CA ASP C 66 29.74 -12.80 -35.34
C ASP C 66 29.84 -14.32 -35.29
N MET C 67 28.71 -14.96 -35.00
CA MET C 67 28.68 -16.41 -34.87
C MET C 67 29.15 -17.09 -36.15
N GLY C 68 28.77 -16.57 -37.32
CA GLY C 68 29.19 -17.18 -38.56
C GLY C 68 30.70 -17.20 -38.71
N THR C 69 31.36 -16.12 -38.30
CA THR C 69 32.82 -16.11 -38.29
C THR C 69 33.37 -17.22 -37.41
N ILE C 70 32.75 -17.41 -36.25
CA ILE C 70 33.20 -18.45 -35.33
C ILE C 70 33.03 -19.83 -35.97
N LYS C 71 31.90 -20.08 -36.61
CA LYS C 71 31.69 -21.39 -37.23
C LYS C 71 32.71 -21.60 -38.34
N LYS C 72 32.96 -20.59 -39.16
CA LYS C 72 33.95 -20.74 -40.22
C LYS C 72 35.32 -21.04 -39.65
N ARG C 73 35.73 -20.31 -38.60
CA ARG C 73 37.04 -20.54 -38.00
C ARG C 73 37.14 -21.95 -37.43
N LEU C 74 36.09 -22.40 -36.74
CA LEU C 74 36.11 -23.75 -36.18
C LEU C 74 36.19 -24.81 -37.27
N GLU C 75 35.41 -24.62 -38.34
CA GLU C 75 35.32 -25.64 -39.39
C GLU C 75 36.62 -25.77 -40.18
N ASN C 76 37.36 -24.67 -40.35
CA ASN C 76 38.64 -24.69 -41.04
C ASN C 76 39.82 -24.49 -40.10
N ASN C 77 39.63 -24.82 -38.82
CA ASN C 77 40.72 -24.89 -37.84
C ASN C 77 41.60 -23.64 -37.89
N TYR C 78 40.96 -22.48 -38.02
CA TYR C 78 41.72 -21.23 -38.01
C TYR C 78 42.36 -20.99 -36.66
N TYR C 79 41.72 -21.44 -35.58
CA TYR C 79 42.24 -21.23 -34.25
C TYR C 79 43.52 -22.01 -34.03
N TRP C 80 44.24 -21.64 -32.97
CA TRP C 80 45.32 -22.46 -32.41
C TRP C 80 45.02 -22.95 -31.00
N ASN C 81 44.21 -22.21 -30.24
CA ASN C 81 43.81 -22.58 -28.90
C ASN C 81 42.30 -22.46 -28.77
N ALA C 82 41.73 -23.31 -27.91
CA ALA C 82 40.27 -23.32 -27.75
C ALA C 82 39.75 -22.01 -27.19
N GLN C 83 40.47 -21.43 -26.22
CA GLN C 83 40.00 -20.19 -25.61
C GLN C 83 39.90 -19.05 -26.61
N GLU C 84 40.56 -19.16 -27.76
CA GLU C 84 40.45 -18.12 -28.78
C GLU C 84 39.01 -18.00 -29.28
N CYS C 85 38.30 -19.13 -29.35
CA CYS C 85 36.89 -19.10 -29.74
C CYS C 85 35.98 -18.66 -28.60
N ILE C 86 36.37 -18.95 -27.36
CA ILE C 86 35.59 -18.49 -26.21
C ILE C 86 35.68 -16.98 -26.10
N GLN C 87 36.88 -16.42 -26.26
CA GLN C 87 37.01 -14.97 -26.26
C GLN C 87 36.26 -14.37 -27.43
N ASP C 88 36.12 -15.10 -28.54
CA ASP C 88 35.34 -14.59 -29.66
C ASP C 88 33.86 -14.50 -29.29
N PHE C 89 33.32 -15.53 -28.64
CA PHE C 89 31.93 -15.45 -28.17
C PHE C 89 31.75 -14.30 -27.19
N ASN C 90 32.69 -14.17 -26.25
CA ASN C 90 32.60 -13.10 -25.27
C ASN C 90 32.66 -11.74 -25.94
N THR C 91 33.50 -11.59 -26.96
CA THR C 91 33.58 -10.35 -27.71
C THR C 91 32.27 -10.08 -28.44
N MET C 92 31.64 -11.11 -28.99
CA MET C 92 30.37 -10.91 -29.66
C MET C 92 29.33 -10.37 -28.68
N PHE C 93 29.29 -10.91 -27.46
CA PHE C 93 28.40 -10.35 -26.45
C PHE C 93 28.81 -8.92 -26.08
N THR C 94 30.12 -8.69 -25.96
CA THR C 94 30.62 -7.41 -25.45
C THR C 94 30.32 -6.28 -26.41
N ASN C 95 30.45 -6.51 -27.71
CA ASN C 95 30.18 -5.45 -28.68
C ASN C 95 28.73 -5.01 -28.60
N CYS C 96 27.81 -5.98 -28.56
CA CYS C 96 26.40 -5.66 -28.42
C CYS C 96 26.13 -4.91 -27.12
N TYR C 97 26.75 -5.33 -26.02
CA TYR C 97 26.56 -4.62 -24.76
C TYR C 97 27.05 -3.18 -24.87
N ILE C 98 28.24 -2.97 -25.44
CA ILE C 98 28.83 -1.64 -25.46
C ILE C 98 28.03 -0.70 -26.35
N TYR C 99 27.72 -1.14 -27.57
CA TYR C 99 27.10 -0.23 -28.52
C TYR C 99 25.71 0.20 -28.06
N ASN C 100 24.92 -0.73 -27.52
CA ASN C 100 23.55 -0.46 -27.16
C ASN C 100 23.40 -0.24 -25.65
N LYS C 101 22.19 0.16 -25.26
CA LYS C 101 21.87 0.57 -23.90
C LYS C 101 20.79 -0.33 -23.32
N PRO C 102 20.69 -0.42 -22.00
CA PRO C 102 19.67 -1.29 -21.40
C PRO C 102 18.27 -0.92 -21.88
N GLY C 103 17.44 -1.94 -22.09
CA GLY C 103 16.10 -1.77 -22.60
C GLY C 103 15.95 -2.08 -24.08
N ASP C 104 17.04 -2.17 -24.81
CA ASP C 104 16.97 -2.51 -26.23
C ASP C 104 16.78 -4.02 -26.40
N ASP C 105 15.98 -4.39 -27.41
CA ASP C 105 15.67 -5.80 -27.61
C ASP C 105 16.94 -6.61 -27.89
N ILE C 106 17.85 -6.07 -28.70
CA ILE C 106 19.11 -6.76 -28.96
C ILE C 106 19.86 -7.02 -27.65
N VAL C 107 19.74 -6.10 -26.69
CA VAL C 107 20.37 -6.30 -25.39
C VAL C 107 19.79 -7.52 -24.69
N LEU C 108 18.46 -7.65 -24.70
CA LEU C 108 17.83 -8.81 -24.08
C LEU C 108 18.24 -10.09 -24.78
N MET C 109 18.31 -10.06 -26.11
CA MET C 109 18.76 -11.25 -26.84
C MET C 109 20.17 -11.62 -26.44
N ALA C 110 21.06 -10.62 -26.33
CA ALA C 110 22.43 -10.88 -25.93
C ALA C 110 22.48 -11.48 -24.53
N GLU C 111 21.69 -10.94 -23.60
CA GLU C 111 21.68 -11.46 -22.23
C GLU C 111 21.22 -12.91 -22.21
N ALA C 112 20.14 -13.22 -22.93
CA ALA C 112 19.65 -14.58 -22.96
C ALA C 112 20.69 -15.53 -23.54
N LEU C 113 21.33 -15.13 -24.65
CA LEU C 113 22.36 -15.96 -25.24
C LEU C 113 23.52 -16.15 -24.27
N GLU C 114 23.91 -15.10 -23.55
CA GLU C 114 25.02 -15.19 -22.62
C GLU C 114 24.71 -16.17 -21.51
N LYS C 115 23.51 -16.09 -20.93
CA LYS C 115 23.18 -17.02 -19.85
C LYS C 115 23.08 -18.44 -20.35
N LEU C 116 22.54 -18.64 -21.55
CA LEU C 116 22.48 -20.00 -22.10
C LEU C 116 23.89 -20.55 -22.35
N PHE C 117 24.78 -19.71 -22.88
CA PHE C 117 26.15 -20.15 -23.10
C PHE C 117 26.82 -20.52 -21.78
N LEU C 118 26.62 -19.69 -20.75
CA LEU C 118 27.19 -19.99 -19.44
C LEU C 118 26.64 -21.30 -18.90
N GLN C 119 25.35 -21.56 -19.12
CA GLN C 119 24.77 -22.82 -18.71
C GLN C 119 25.45 -23.99 -19.43
N LYS C 120 25.65 -23.86 -20.73
CA LYS C 120 26.22 -24.97 -21.50
C LYS C 120 27.73 -25.08 -21.35
N ILE C 121 28.43 -23.95 -21.21
CA ILE C 121 29.88 -23.98 -21.18
C ILE C 121 30.41 -24.69 -19.94
N ASN C 122 29.64 -24.75 -18.85
CA ASN C 122 30.12 -25.37 -17.64
C ASN C 122 30.47 -26.84 -17.84
N GLU C 123 29.93 -27.47 -18.88
CA GLU C 123 30.20 -28.87 -19.16
C GLU C 123 31.47 -29.08 -19.98
N LEU C 124 32.19 -28.01 -20.30
CA LEU C 124 33.36 -28.12 -21.14
C LEU C 124 34.35 -29.10 -20.52
N PRO C 125 34.80 -30.12 -21.26
CA PRO C 125 35.68 -31.14 -20.66
C PRO C 125 37.08 -30.60 -20.41
N THR C 126 37.80 -31.32 -19.57
CA THR C 126 39.18 -30.98 -19.25
C THR C 126 40.12 -31.39 -20.38
N LYS C 309 12.92 -28.28 -70.24
CA LYS C 309 13.42 -28.47 -68.88
C LYS C 309 12.60 -27.66 -67.87
N VAL C 310 11.46 -27.13 -68.33
CA VAL C 310 10.64 -26.29 -67.46
C VAL C 310 10.11 -27.11 -66.28
N SER C 311 9.79 -28.38 -66.52
CA SER C 311 9.35 -29.24 -65.43
C SER C 311 10.41 -29.37 -64.35
N GLU C 312 11.68 -29.49 -64.75
CA GLU C 312 12.76 -29.53 -63.78
C GLU C 312 12.80 -28.24 -62.96
N GLN C 313 12.64 -27.10 -63.63
CA GLN C 313 12.68 -25.82 -62.94
C GLN C 313 11.53 -25.70 -61.94
N LEU C 314 10.33 -26.16 -62.33
CA LEU C 314 9.20 -26.08 -61.42
C LEU C 314 9.39 -27.04 -60.24
N LYS C 315 9.98 -28.21 -60.48
CA LYS C 315 10.29 -29.09 -59.37
C LYS C 315 11.27 -28.44 -58.41
N CYS C 316 12.31 -27.79 -58.94
CA CYS C 316 13.28 -27.11 -58.08
C CYS C 316 12.61 -25.98 -57.30
N CYS C 317 11.74 -25.21 -57.94
CA CYS C 317 11.07 -24.12 -57.26
C CYS C 317 10.13 -24.63 -56.17
N SER C 318 9.42 -25.73 -56.43
CA SER C 318 8.60 -26.32 -55.39
C SER C 318 9.45 -26.78 -54.21
N GLY C 319 10.60 -27.39 -54.49
CA GLY C 319 11.50 -27.77 -53.40
C GLY C 319 11.97 -26.56 -52.60
N ILE C 320 12.30 -25.47 -53.30
CA ILE C 320 12.76 -24.25 -52.62
C ILE C 320 11.66 -23.70 -51.73
N LEU C 321 10.45 -23.59 -52.27
CA LEU C 321 9.34 -23.03 -51.50
C LEU C 321 9.03 -23.89 -50.30
N LYS C 322 9.11 -25.23 -50.46
CA LYS C 322 8.94 -26.11 -49.30
C LYS C 322 10.04 -25.86 -48.27
N GLU C 323 11.26 -25.64 -48.74
CA GLU C 323 12.35 -25.33 -47.81
C GLU C 323 12.04 -24.07 -47.00
N MET C 324 11.52 -23.04 -47.67
CA MET C 324 11.27 -21.77 -46.97
C MET C 324 10.23 -21.93 -45.88
N PHE C 325 9.45 -23.01 -45.88
CA PHE C 325 8.45 -23.25 -44.86
C PHE C 325 8.98 -24.03 -43.66
N ALA C 326 10.21 -24.53 -43.73
CA ALA C 326 10.71 -25.42 -42.69
C ALA C 326 10.93 -24.67 -41.38
N LYS C 327 10.97 -25.44 -40.28
CA LYS C 327 11.28 -24.85 -38.99
C LYS C 327 12.70 -24.31 -38.95
N LYS C 328 13.56 -24.74 -39.88
CA LYS C 328 14.92 -24.23 -39.94
C LYS C 328 14.93 -22.71 -40.05
N HIS C 329 13.93 -22.12 -40.70
CA HIS C 329 13.84 -20.68 -40.84
C HIS C 329 12.57 -20.10 -40.25
N ALA C 330 11.76 -20.90 -39.56
CA ALA C 330 10.51 -20.42 -39.00
C ALA C 330 10.73 -19.34 -37.94
N ALA C 331 11.96 -19.20 -37.43
CA ALA C 331 12.22 -18.17 -36.42
C ALA C 331 11.94 -16.78 -36.97
N TYR C 332 12.38 -16.51 -38.22
CA TYR C 332 12.28 -15.17 -38.78
C TYR C 332 11.58 -15.11 -40.14
N ALA C 333 11.10 -16.23 -40.68
CA ALA C 333 10.37 -16.20 -41.94
C ALA C 333 8.86 -16.19 -41.75
N TRP C 334 8.39 -16.15 -40.51
CA TRP C 334 6.97 -16.30 -40.22
C TRP C 334 6.13 -15.11 -40.67
N PRO C 335 6.66 -13.88 -40.71
CA PRO C 335 5.81 -12.76 -41.15
C PRO C 335 5.22 -12.93 -42.54
N PHE C 336 5.91 -13.65 -43.42
CA PHE C 336 5.46 -13.80 -44.80
C PHE C 336 4.63 -15.06 -45.04
N TYR C 337 4.47 -15.91 -44.02
CA TYR C 337 3.80 -17.19 -44.25
C TYR C 337 2.41 -17.02 -44.84
N LYS C 338 1.73 -15.93 -44.54
CA LYS C 338 0.36 -15.72 -44.96
C LYS C 338 0.19 -14.31 -45.47
N PRO C 339 -0.88 -14.05 -46.25
CA PRO C 339 -1.08 -12.69 -46.77
C PRO C 339 -1.15 -11.68 -45.63
N VAL C 340 -0.56 -10.51 -45.86
CA VAL C 340 -0.58 -9.45 -44.86
C VAL C 340 -2.00 -8.91 -44.77
N ASP C 341 -2.60 -9.02 -43.59
CA ASP C 341 -3.96 -8.56 -43.39
C ASP C 341 -3.97 -7.05 -43.24
N VAL C 342 -4.68 -6.37 -44.14
CA VAL C 342 -4.72 -4.91 -44.10
C VAL C 342 -5.57 -4.39 -42.94
N GLU C 343 -6.44 -5.24 -42.38
CA GLU C 343 -7.33 -4.82 -41.30
C GLU C 343 -6.87 -5.32 -39.94
N ALA C 344 -6.31 -6.53 -39.88
CA ALA C 344 -5.88 -7.10 -38.61
C ALA C 344 -4.54 -6.55 -38.13
N LEU C 345 -3.89 -5.70 -38.93
CA LEU C 345 -2.66 -5.04 -38.52
C LEU C 345 -2.74 -3.53 -38.64
N GLY C 346 -3.87 -2.98 -39.08
CA GLY C 346 -4.10 -1.55 -39.07
C GLY C 346 -3.45 -0.78 -40.20
N LEU C 347 -2.79 -1.44 -41.14
CA LEU C 347 -2.08 -0.76 -42.22
C LEU C 347 -3.10 -0.26 -43.23
N HIS C 348 -3.60 0.95 -43.00
CA HIS C 348 -4.60 1.53 -43.89
C HIS C 348 -4.03 1.79 -45.27
N ASP C 349 -2.85 2.39 -45.34
CA ASP C 349 -2.26 2.77 -46.62
C ASP C 349 -1.66 1.60 -47.38
N TYR C 350 -1.37 0.48 -46.71
CA TYR C 350 -0.73 -0.64 -47.40
C TYR C 350 -1.52 -1.08 -48.62
N CYS C 351 -2.85 -0.93 -48.58
CA CYS C 351 -3.66 -1.21 -49.77
C CYS C 351 -3.23 -0.32 -50.93
N ASP C 352 -2.91 0.95 -50.64
CA ASP C 352 -2.58 1.91 -51.69
C ASP C 352 -1.11 1.81 -52.09
N ILE C 353 -0.20 1.79 -51.12
CA ILE C 353 1.22 1.87 -51.46
C ILE C 353 1.67 0.63 -52.23
N ILE C 354 1.11 -0.54 -51.92
CA ILE C 354 1.45 -1.78 -52.60
C ILE C 354 0.27 -2.17 -53.48
N LYS C 355 0.55 -2.45 -54.76
CA LYS C 355 -0.47 -2.74 -55.75
C LYS C 355 -0.57 -4.22 -56.08
N HIS C 356 0.29 -5.06 -55.51
CA HIS C 356 0.30 -6.50 -55.83
C HIS C 356 0.75 -7.27 -54.59
N PRO C 357 -0.14 -7.49 -53.64
CA PRO C 357 0.23 -8.27 -52.46
C PRO C 357 0.63 -9.70 -52.84
N MET C 358 1.56 -10.25 -52.09
CA MET C 358 2.04 -11.61 -52.32
C MET C 358 2.49 -12.20 -50.99
N ASP C 359 2.49 -13.54 -50.93
CA ASP C 359 2.89 -14.25 -49.73
C ASP C 359 3.15 -15.70 -50.08
N MET C 360 3.92 -16.37 -49.22
CA MET C 360 4.40 -17.71 -49.56
C MET C 360 3.25 -18.70 -49.70
N SER C 361 2.17 -18.54 -48.93
CA SER C 361 1.03 -19.43 -49.07
C SER C 361 0.40 -19.31 -50.44
N THR C 362 0.25 -18.08 -50.95
CA THR C 362 -0.30 -17.90 -52.28
C THR C 362 0.58 -18.55 -53.34
N ILE C 363 1.89 -18.40 -53.23
CA ILE C 363 2.79 -19.02 -54.19
C ILE C 363 2.69 -20.53 -54.12
N LYS C 364 2.60 -21.09 -52.91
CA LYS C 364 2.46 -22.53 -52.77
C LYS C 364 1.17 -23.02 -53.42
N SER C 365 0.06 -22.30 -53.20
CA SER C 365 -1.19 -22.67 -53.83
C SER C 365 -1.08 -22.62 -55.35
N LYS C 366 -0.45 -21.57 -55.88
CA LYS C 366 -0.30 -21.47 -57.33
C LYS C 366 0.52 -22.62 -57.88
N LEU C 367 1.61 -22.99 -57.19
CA LEU C 367 2.42 -24.11 -57.66
C LEU C 367 1.63 -25.41 -57.61
N GLU C 368 0.86 -25.63 -56.54
CA GLU C 368 0.04 -26.84 -56.45
C GLU C 368 -1.00 -26.87 -57.56
N ALA C 369 -1.43 -25.71 -58.05
CA ALA C 369 -2.38 -25.62 -59.15
C ALA C 369 -1.69 -25.49 -60.51
N ARG C 370 -0.36 -25.53 -60.54
CA ARG C 370 0.39 -25.43 -61.79
C ARG C 370 0.06 -24.14 -62.55
N GLU C 371 -0.12 -23.05 -61.80
CA GLU C 371 -0.40 -21.76 -62.41
C GLU C 371 0.82 -21.12 -63.04
N TYR C 372 2.02 -21.62 -62.72
CA TYR C 372 3.27 -21.03 -63.20
C TYR C 372 3.73 -21.77 -64.44
N ARG C 373 3.65 -21.11 -65.60
CA ARG C 373 4.04 -21.75 -66.85
C ARG C 373 5.53 -22.05 -66.87
N ASP C 374 6.33 -21.22 -66.21
CA ASP C 374 7.77 -21.44 -66.13
C ASP C 374 8.29 -20.78 -64.86
N ALA C 375 9.50 -21.17 -64.46
CA ALA C 375 10.06 -20.75 -63.18
C ALA C 375 10.32 -19.24 -63.11
N GLN C 376 10.44 -18.56 -64.24
CA GLN C 376 10.72 -17.13 -64.20
C GLN C 376 9.59 -16.37 -63.54
N GLU C 377 8.34 -16.77 -63.79
CA GLU C 377 7.21 -16.15 -63.10
C GLU C 377 7.32 -16.36 -61.59
N PHE C 378 7.72 -17.56 -61.17
CA PHE C 378 7.85 -17.84 -59.74
C PHE C 378 8.93 -16.95 -59.12
N GLY C 379 10.07 -16.83 -59.78
CA GLY C 379 11.12 -15.96 -59.27
C GLY C 379 10.68 -14.52 -59.18
N ALA C 380 9.98 -14.04 -60.21
CA ALA C 380 9.46 -12.68 -60.17
C ALA C 380 8.49 -12.51 -59.02
N ASP C 381 7.63 -13.50 -58.78
CA ASP C 381 6.67 -13.40 -57.68
C ASP C 381 7.39 -13.31 -56.34
N VAL C 382 8.39 -14.15 -56.11
CA VAL C 382 9.10 -14.12 -54.83
C VAL C 382 9.82 -12.78 -54.65
N ARG C 383 10.51 -12.33 -55.69
CA ARG C 383 11.20 -11.05 -55.58
C ARG C 383 10.22 -9.91 -55.38
N LEU C 384 9.03 -10.00 -55.96
CA LEU C 384 7.99 -9.00 -55.68
C LEU C 384 7.56 -9.07 -54.22
N MET C 385 7.42 -10.27 -53.68
CA MET C 385 7.04 -10.42 -52.29
C MET C 385 8.03 -9.70 -51.37
N PHE C 386 9.32 -9.85 -51.65
CA PHE C 386 10.32 -9.17 -50.82
C PHE C 386 10.36 -7.67 -51.11
N SER C 387 10.27 -7.29 -52.38
CA SER C 387 10.38 -5.87 -52.73
C SER C 387 9.20 -5.07 -52.19
N ASN C 388 8.03 -5.68 -52.05
CA ASN C 388 6.90 -4.98 -51.45
C ASN C 388 7.22 -4.61 -50.01
N CYS C 389 7.76 -5.56 -49.25
CA CYS C 389 8.15 -5.26 -47.87
C CYS C 389 9.20 -4.16 -47.83
N TYR C 390 10.20 -4.24 -48.72
CA TYR C 390 11.21 -3.18 -48.75
C TYR C 390 10.58 -1.82 -49.05
N LYS C 391 9.68 -1.77 -50.04
CA LYS C 391 9.13 -0.50 -50.49
C LYS C 391 8.21 0.11 -49.43
N TYR C 392 7.41 -0.72 -48.76
CA TYR C 392 6.46 -0.17 -47.79
C TYR C 392 7.16 0.36 -46.56
N ASN C 393 7.93 -0.49 -45.88
CA ASN C 393 8.46 -0.13 -44.58
C ASN C 393 9.70 0.74 -44.71
N PRO C 394 10.02 1.51 -43.67
CA PRO C 394 11.33 2.15 -43.61
C PRO C 394 12.42 1.12 -43.37
N PRO C 395 13.68 1.48 -43.63
CA PRO C 395 14.75 0.47 -43.52
C PRO C 395 15.01 0.06 -42.09
N ASP C 396 14.70 0.93 -41.13
CA ASP C 396 14.93 0.62 -39.72
C ASP C 396 14.06 -0.54 -39.22
N HIS C 397 12.80 -0.62 -39.67
CA HIS C 397 11.90 -1.62 -39.11
C HIS C 397 12.54 -3.00 -39.20
N GLU C 398 12.42 -3.77 -38.12
CA GLU C 398 13.14 -5.04 -38.06
C GLU C 398 12.61 -6.02 -39.11
N VAL C 399 11.42 -5.76 -39.65
CA VAL C 399 10.87 -6.72 -40.59
C VAL C 399 11.83 -6.79 -41.76
N VAL C 400 12.38 -5.63 -42.13
CA VAL C 400 13.25 -5.58 -43.30
C VAL C 400 14.42 -6.50 -43.05
N ALA C 401 15.00 -6.43 -41.85
CA ALA C 401 16.14 -7.28 -41.51
C ALA C 401 15.79 -8.72 -41.79
N MET C 402 14.56 -9.11 -41.42
CA MET C 402 14.16 -10.50 -41.62
C MET C 402 13.97 -10.79 -43.11
N ALA C 403 13.38 -9.85 -43.83
CA ALA C 403 13.19 -10.03 -45.26
C ALA C 403 14.53 -10.16 -45.98
N ARG C 404 15.52 -9.34 -45.59
CA ARG C 404 16.84 -9.45 -46.19
C ARG C 404 17.44 -10.82 -45.92
N LYS C 405 17.22 -11.34 -44.71
CA LYS C 405 17.79 -12.64 -44.38
C LYS C 405 17.15 -13.70 -45.27
N LEU C 406 15.81 -13.71 -45.32
CA LEU C 406 15.11 -14.76 -46.04
C LEU C 406 15.39 -14.66 -47.53
N GLN C 407 15.50 -13.43 -48.06
CA GLN C 407 15.82 -13.26 -49.47
C GLN C 407 17.24 -13.71 -49.78
N ASP C 408 18.17 -13.51 -48.84
CA ASP C 408 19.51 -14.04 -49.04
C ASP C 408 19.47 -15.55 -49.17
N VAL C 409 18.71 -16.20 -48.29
CA VAL C 409 18.58 -17.66 -48.39
C VAL C 409 17.94 -18.04 -49.71
N PHE C 410 16.88 -17.33 -50.10
CA PHE C 410 16.16 -17.67 -51.32
C PHE C 410 17.03 -17.53 -52.54
N GLU C 411 17.86 -16.48 -52.60
CA GLU C 411 18.77 -16.31 -53.72
C GLU C 411 19.84 -17.40 -53.71
N MET C 412 20.42 -17.69 -52.54
CA MET C 412 21.40 -18.77 -52.45
C MET C 412 20.84 -20.08 -53.00
N ARG C 413 19.54 -20.32 -52.80
CA ARG C 413 18.94 -21.54 -53.32
C ARG C 413 18.60 -21.43 -54.81
N PHE C 414 17.99 -20.32 -55.22
CA PHE C 414 17.48 -20.19 -56.57
C PHE C 414 18.57 -19.98 -57.62
N ALA C 415 19.73 -19.47 -57.21
CA ALA C 415 20.82 -19.32 -58.16
C ALA C 415 21.22 -20.66 -58.77
N LYS C 416 20.88 -21.76 -58.11
CA LYS C 416 21.20 -23.10 -58.59
C LYS C 416 20.07 -23.71 -59.42
N MET C 417 19.17 -22.88 -59.94
CA MET C 417 18.09 -23.41 -60.76
C MET C 417 18.68 -24.05 -62.02
N PRO C 418 18.15 -25.21 -62.46
CA PRO C 418 18.69 -25.85 -63.67
C PRO C 418 18.38 -25.06 -64.94
#